data_9G9Q
#
_entry.id   9G9Q
#
_cell.length_a   52.17
_cell.length_b   55.11
_cell.length_c   64.26
_cell.angle_alpha   99.87
_cell.angle_beta   94.9
_cell.angle_gamma   103.24
#
_symmetry.space_group_name_H-M   'P 1'
#
loop_
_entity.id
_entity.type
_entity.pdbx_description
1 polymer 'Cytochrome P450 CYP199'
2 non-polymer 'PROTOPORPHYRIN IX CONTAINING FE'
3 non-polymer '4-METHOXYBENZOIC ACID'
4 non-polymer GLYCEROL
5 water water
#
_entity_poly.entity_id   1
_entity_poly.type   'polypeptide(L)'
_entity_poly.pdbx_seq_one_letter_code
;MGSSHHHHHSSGENLYFQGHMFAPAPALPVSDADPFALDVLQDPLPFQANLRDAGPVVYLRRYDVFALGRYEQVHAALTD
WQSFQSAAGVGLSNFRYETPWRPPSILLEADPPHHDAPRAVLSKILGPRALQKLRAAWIQDAEALVDQLLANTTEFDAVT
DLAAAFPLRVFPDAVGIPDAGRENLLPYGDHAFNAFGPANGLVEKGAPRVAELSGWVNAQCARDALTGDGFGAQIWAAAD
RGDITYEQAPLVVRSLLTAGVDTTVNGLAAVLYAFATHPDQWARLRENRTLARTAFDEAVRWESPVQTFFRTATRDTEIG
GATIPDGKKILMFLGAANRDPRRWENPEVFDLGRNPSGHVGYGMGIHQCVGQHVARLESEALLTALASRVHSLEIAGPVH
RHLNNTLRSWESVPVKVRLP
;
_entity_poly.pdbx_strand_id   A,B
#
# COMPACT_ATOMS: atom_id res chain seq x y z
N LEU A 28 22.93 -25.62 -23.09
CA LEU A 28 21.69 -25.05 -22.50
C LEU A 28 21.81 -23.54 -22.50
N PRO A 29 20.85 -22.74 -23.03
CA PRO A 29 20.92 -21.29 -22.83
C PRO A 29 20.84 -20.97 -21.34
N VAL A 30 21.71 -20.09 -20.86
CA VAL A 30 21.75 -19.67 -19.47
C VAL A 30 21.74 -18.14 -19.50
N SER A 31 21.13 -17.48 -18.53
CA SER A 31 20.94 -16.04 -18.60
C SER A 31 20.99 -15.39 -17.21
N ASP A 32 21.47 -14.13 -17.16
CA ASP A 32 21.41 -13.29 -15.96
C ASP A 32 20.15 -12.41 -15.93
N ALA A 33 19.24 -12.63 -16.88
CA ALA A 33 17.99 -11.92 -16.92
C ALA A 33 17.27 -12.05 -15.60
N ASP A 34 16.77 -10.92 -15.08
CA ASP A 34 15.96 -10.84 -13.89
C ASP A 34 14.51 -10.52 -14.31
N PRO A 35 13.62 -11.51 -14.38
CA PRO A 35 12.22 -11.27 -14.69
C PRO A 35 11.42 -10.50 -13.63
N PHE A 36 12.01 -10.24 -12.46
CA PHE A 36 11.30 -9.49 -11.42
C PHE A 36 11.88 -8.09 -11.25
N ALA A 37 12.83 -7.67 -12.12
CA ALA A 37 13.35 -6.32 -12.11
C ALA A 37 12.25 -5.35 -12.53
N LEU A 38 12.33 -4.15 -11.98
CA LEU A 38 11.21 -3.22 -12.13
C LEU A 38 10.97 -2.82 -13.58
N ASP A 39 12.04 -2.75 -14.38
CA ASP A 39 11.96 -2.46 -15.81
C ASP A 39 11.21 -3.53 -16.60
N VAL A 40 11.43 -4.80 -16.25
CA VAL A 40 10.77 -5.91 -16.92
C VAL A 40 9.30 -5.93 -16.52
N LEU A 41 9.02 -5.76 -15.23
CA LEU A 41 7.63 -5.74 -14.78
C LEU A 41 6.85 -4.58 -15.43
N GLN A 42 7.53 -3.45 -15.66
CA GLN A 42 6.92 -2.29 -16.30
C GLN A 42 6.60 -2.64 -17.75
N ASP A 43 7.57 -3.29 -18.45
CA ASP A 43 7.31 -3.80 -19.79
C ASP A 43 7.97 -5.15 -20.03
N PRO A 44 7.21 -6.26 -19.86
CA PRO A 44 7.82 -7.59 -19.96
C PRO A 44 7.91 -8.19 -21.35
N LEU A 45 7.40 -7.50 -22.38
CA LEU A 45 7.26 -8.07 -23.70
C LEU A 45 8.64 -8.37 -24.32
N PRO A 46 9.64 -7.46 -24.27
CA PRO A 46 10.99 -7.83 -24.70
C PRO A 46 11.64 -9.03 -23.99
N PHE A 47 11.50 -9.16 -22.67
CA PHE A 47 12.02 -10.32 -21.95
C PHE A 47 11.35 -11.58 -22.48
N GLN A 48 10.02 -11.52 -22.71
CA GLN A 48 9.26 -12.69 -23.18
C GLN A 48 9.82 -13.22 -24.49
N ALA A 49 10.07 -12.29 -25.42
CA ALA A 49 10.50 -12.62 -26.76
C ALA A 49 11.93 -13.16 -26.72
N ASN A 50 12.81 -12.60 -25.87
CA ASN A 50 14.14 -13.16 -25.67
C ASN A 50 14.15 -14.56 -25.06
N LEU A 51 13.21 -14.79 -24.12
CA LEU A 51 13.06 -16.08 -23.49
C LEU A 51 12.67 -17.12 -24.53
N ARG A 52 11.58 -16.85 -25.26
CA ARG A 52 11.18 -17.71 -26.34
C ARG A 52 12.27 -17.91 -27.38
N ASP A 53 12.98 -16.83 -27.80
CA ASP A 53 14.01 -16.93 -28.84
C ASP A 53 15.21 -17.75 -28.40
N ALA A 54 15.60 -17.71 -27.11
CA ALA A 54 16.83 -18.32 -26.64
C ALA A 54 16.78 -19.85 -26.80
N GLY A 55 15.63 -20.42 -26.46
CA GLY A 55 15.52 -21.86 -26.48
C GLY A 55 14.24 -22.27 -25.80
N PRO A 56 13.84 -23.55 -25.82
CA PRO A 56 12.69 -23.98 -25.06
C PRO A 56 12.85 -23.83 -23.55
N VAL A 57 14.06 -24.10 -23.06
CA VAL A 57 14.42 -23.98 -21.66
C VAL A 57 15.62 -23.03 -21.55
N VAL A 58 15.54 -22.08 -20.59
CA VAL A 58 16.61 -21.14 -20.27
C VAL A 58 16.85 -21.20 -18.76
N TYR A 59 18.11 -21.43 -18.37
CA TYR A 59 18.49 -21.43 -16.98
C TYR A 59 18.69 -19.99 -16.53
N LEU A 60 17.91 -19.53 -15.56
CA LEU A 60 18.10 -18.22 -14.92
C LEU A 60 19.11 -18.33 -13.78
N ARG A 61 20.40 -18.03 -14.05
CA ARG A 61 21.43 -18.13 -13.04
C ARG A 61 21.08 -17.38 -11.77
N ARG A 62 20.37 -16.22 -11.90
CA ARG A 62 20.11 -15.36 -10.75
C ARG A 62 19.31 -16.13 -9.70
N TYR A 63 18.36 -16.95 -10.13
CA TYR A 63 17.48 -17.60 -9.21
C TYR A 63 17.71 -19.11 -9.15
N ASP A 64 18.55 -19.76 -9.96
CA ASP A 64 18.68 -21.22 -9.96
C ASP A 64 17.33 -21.88 -10.27
N VAL A 65 16.66 -21.44 -11.35
CA VAL A 65 15.45 -22.06 -11.86
C VAL A 65 15.53 -22.15 -13.38
N PHE A 66 14.57 -22.88 -13.95
CA PHE A 66 14.54 -23.21 -15.36
C PHE A 66 13.30 -22.53 -15.92
N ALA A 67 13.50 -21.54 -16.80
CA ALA A 67 12.43 -20.76 -17.39
C ALA A 67 11.93 -21.42 -18.68
N LEU A 68 10.60 -21.38 -18.82
CA LEU A 68 9.87 -21.83 -19.97
C LEU A 68 8.98 -20.70 -20.50
N GLY A 69 9.13 -20.33 -21.78
CA GLY A 69 8.44 -19.21 -22.42
C GLY A 69 7.54 -19.60 -23.60
N ARG A 70 7.80 -20.74 -24.26
CA ARG A 70 7.00 -21.22 -25.36
C ARG A 70 5.82 -22.04 -24.82
N TYR A 71 4.69 -21.91 -25.53
CA TYR A 71 3.45 -22.60 -25.26
C TYR A 71 3.68 -24.10 -25.09
N GLU A 72 4.47 -24.75 -25.95
CA GLU A 72 4.55 -26.21 -25.95
C GLU A 72 5.00 -26.69 -24.59
N GLN A 73 6.05 -26.07 -24.06
CA GLN A 73 6.65 -26.53 -22.82
C GLN A 73 5.88 -26.01 -21.61
N VAL A 74 5.27 -24.80 -21.71
CA VAL A 74 4.47 -24.27 -20.61
C VAL A 74 3.23 -25.15 -20.43
N HIS A 75 2.63 -25.62 -21.52
CA HIS A 75 1.48 -26.50 -21.51
C HIS A 75 1.85 -27.84 -20.87
N ALA A 76 3.00 -28.39 -21.27
CA ALA A 76 3.47 -29.69 -20.84
C ALA A 76 3.72 -29.70 -19.33
N ALA A 77 4.41 -28.63 -18.91
CA ALA A 77 4.75 -28.45 -17.51
C ALA A 77 3.51 -28.25 -16.60
N LEU A 78 2.52 -27.48 -17.08
CA LEU A 78 1.28 -27.24 -16.34
C LEU A 78 0.52 -28.54 -16.09
N THR A 79 0.43 -29.40 -17.09
CA THR A 79 -0.43 -30.57 -17.01
C THR A 79 0.28 -31.67 -16.25
N ASP A 80 1.63 -31.68 -16.24
CA ASP A 80 2.40 -32.79 -15.71
C ASP A 80 2.64 -32.57 -14.22
N TRP A 81 1.57 -32.73 -13.43
CA TRP A 81 1.63 -32.54 -11.98
C TRP A 81 2.49 -33.60 -11.26
N GLN A 82 2.63 -34.80 -11.83
CA GLN A 82 3.43 -35.89 -11.29
C GLN A 82 4.92 -35.53 -11.25
N SER A 83 5.42 -34.93 -12.34
CA SER A 83 6.80 -34.44 -12.47
C SER A 83 7.01 -33.07 -11.79
N PHE A 84 6.07 -32.14 -12.01
CA PHE A 84 6.12 -30.76 -11.56
C PHE A 84 5.02 -30.48 -10.51
N GLN A 85 5.41 -30.60 -9.23
CA GLN A 85 4.48 -30.50 -8.13
C GLN A 85 4.28 -29.03 -7.75
N SER A 86 3.17 -28.77 -7.03
CA SER A 86 2.84 -27.48 -6.44
C SER A 86 3.04 -27.37 -4.91
N ALA A 87 3.21 -28.51 -4.21
CA ALA A 87 3.11 -28.50 -2.75
C ALA A 87 4.38 -27.95 -2.08
N ALA A 88 5.49 -27.89 -2.82
CA ALA A 88 6.71 -27.20 -2.38
C ALA A 88 6.59 -25.71 -2.64
N GLY A 89 5.42 -25.22 -3.13
CA GLY A 89 5.14 -23.81 -3.37
C GLY A 89 5.19 -23.47 -4.86
N VAL A 90 4.27 -22.63 -5.34
CA VAL A 90 4.27 -22.24 -6.76
C VAL A 90 4.85 -20.83 -6.94
N GLY A 91 5.43 -20.24 -5.89
CA GLY A 91 6.29 -19.10 -5.98
C GLY A 91 7.75 -19.54 -6.01
N LEU A 92 8.65 -18.54 -5.99
CA LEU A 92 10.08 -18.74 -5.93
C LEU A 92 10.46 -19.60 -4.72
N SER A 93 9.86 -19.21 -3.59
CA SER A 93 10.15 -19.76 -2.30
C SER A 93 9.91 -21.25 -2.31
N ASN A 94 10.88 -21.99 -1.80
CA ASN A 94 10.83 -23.43 -1.72
C ASN A 94 10.48 -23.85 -0.29
N PHE A 95 9.30 -24.48 -0.12
CA PHE A 95 8.75 -24.75 1.21
C PHE A 95 9.45 -25.96 1.82
N ARG A 96 10.23 -26.67 1.01
CA ARG A 96 11.19 -27.59 1.56
C ARG A 96 12.06 -26.88 2.63
N TYR A 97 12.43 -25.61 2.44
CA TYR A 97 13.40 -24.95 3.31
C TYR A 97 12.87 -23.66 3.93
N GLU A 98 12.02 -22.93 3.21
CA GLU A 98 11.67 -21.58 3.60
C GLU A 98 10.30 -21.60 4.24
N THR A 99 10.16 -20.67 5.15
CA THR A 99 8.96 -20.46 5.91
C THR A 99 7.95 -19.72 5.02
N PRO A 100 6.74 -20.25 4.74
CA PRO A 100 5.77 -19.49 3.99
C PRO A 100 5.28 -18.24 4.74
N TRP A 101 4.94 -17.19 3.99
CA TRP A 101 4.48 -15.94 4.58
C TRP A 101 3.11 -16.14 5.26
N ARG A 102 2.36 -17.17 4.83
CA ARG A 102 1.12 -17.62 5.46
C ARG A 102 0.97 -19.13 5.31
N PRO A 103 -0.01 -19.80 6.01
CA PRO A 103 -0.32 -21.21 5.72
C PRO A 103 -0.58 -21.36 4.23
N PRO A 104 0.16 -22.21 3.46
CA PRO A 104 -0.06 -22.29 2.01
C PRO A 104 -1.45 -22.74 1.62
N SER A 105 -1.93 -22.25 0.48
CA SER A 105 -3.23 -22.61 -0.07
C SER A 105 -3.39 -24.12 -0.19
N ILE A 106 -4.59 -24.59 0.21
CA ILE A 106 -4.89 -26.02 0.20
C ILE A 106 -5.41 -26.43 -1.18
N LEU A 107 -5.59 -25.45 -2.08
CA LEU A 107 -5.79 -25.70 -3.51
C LEU A 107 -4.49 -25.50 -4.27
N LEU A 108 -4.01 -24.25 -4.32
CA LEU A 108 -2.91 -23.89 -5.21
C LEU A 108 -1.63 -24.64 -4.86
N GLU A 109 -1.35 -24.85 -3.55
CA GLU A 109 -0.12 -25.48 -3.10
C GLU A 109 -0.38 -26.86 -2.48
N ALA A 110 -1.28 -27.63 -3.07
CA ALA A 110 -1.50 -29.02 -2.67
C ALA A 110 -1.38 -29.86 -3.93
N ASP A 111 -0.70 -31.00 -3.87
CA ASP A 111 -0.77 -32.01 -4.92
C ASP A 111 -1.87 -33.01 -4.61
N PRO A 112 -2.28 -33.84 -5.60
CA PRO A 112 -3.11 -35.01 -5.28
C PRO A 112 -2.38 -35.94 -4.31
N PRO A 113 -3.04 -36.69 -3.41
CA PRO A 113 -4.48 -36.66 -3.19
C PRO A 113 -5.08 -35.47 -2.40
N HIS A 114 -4.25 -34.64 -1.73
CA HIS A 114 -4.73 -33.61 -0.80
C HIS A 114 -5.56 -32.55 -1.53
N HIS A 115 -5.19 -32.35 -2.82
CA HIS A 115 -5.82 -31.38 -3.68
C HIS A 115 -7.27 -31.74 -3.99
N ASP A 116 -7.59 -33.03 -4.00
CA ASP A 116 -8.73 -33.48 -4.75
C ASP A 116 -10.03 -32.96 -4.10
N ALA A 117 -10.14 -33.03 -2.75
CA ALA A 117 -11.39 -32.71 -2.05
C ALA A 117 -11.72 -31.23 -2.13
N PRO A 118 -10.83 -30.30 -1.74
CA PRO A 118 -11.18 -28.87 -1.84
C PRO A 118 -11.41 -28.39 -3.26
N ARG A 119 -10.72 -29.00 -4.22
CA ARG A 119 -10.89 -28.68 -5.61
C ARG A 119 -12.33 -28.96 -6.06
N ALA A 120 -12.81 -30.17 -5.73
CA ALA A 120 -14.09 -30.63 -6.21
C ALA A 120 -15.21 -29.79 -5.58
N VAL A 121 -15.04 -29.33 -4.34
CA VAL A 121 -16.01 -28.45 -3.69
C VAL A 121 -16.12 -27.13 -4.48
N LEU A 122 -15.02 -26.39 -4.67
CA LEU A 122 -15.05 -25.14 -5.46
C LEU A 122 -15.53 -25.33 -6.90
N SER A 123 -15.13 -26.45 -7.50
CA SER A 123 -15.48 -26.74 -8.86
C SER A 123 -17.00 -26.80 -9.03
N LYS A 124 -17.75 -27.37 -8.05
CA LYS A 124 -19.21 -27.46 -8.09
C LYS A 124 -19.80 -26.09 -7.81
N ILE A 125 -19.27 -25.40 -6.78
CA ILE A 125 -19.85 -24.16 -6.26
C ILE A 125 -19.73 -22.99 -7.26
N LEU A 126 -18.57 -22.94 -7.96
CA LEU A 126 -18.26 -21.91 -8.93
C LEU A 126 -18.49 -22.39 -10.35
N GLY A 127 -19.20 -23.50 -10.54
CA GLY A 127 -19.42 -23.98 -11.87
C GLY A 127 -20.60 -23.33 -12.57
N PRO A 128 -20.75 -23.64 -13.89
CA PRO A 128 -21.74 -22.94 -14.73
C PRO A 128 -23.18 -22.96 -14.20
N ARG A 129 -23.69 -24.18 -13.92
CA ARG A 129 -25.01 -24.41 -13.36
C ARG A 129 -25.24 -23.53 -12.11
N ALA A 130 -24.29 -23.56 -11.16
CA ALA A 130 -24.39 -22.84 -9.89
C ALA A 130 -24.47 -21.34 -10.13
N LEU A 131 -23.64 -20.82 -11.04
CA LEU A 131 -23.61 -19.39 -11.34
C LEU A 131 -24.86 -18.88 -12.06
N GLN A 132 -25.62 -19.72 -12.79
CA GLN A 132 -26.88 -19.34 -13.46
C GLN A 132 -27.73 -18.43 -12.57
N LYS A 133 -27.84 -18.77 -11.28
CA LYS A 133 -28.67 -18.03 -10.35
C LYS A 133 -28.17 -16.59 -10.12
N LEU A 134 -26.89 -16.32 -10.29
CA LEU A 134 -26.37 -14.97 -10.07
C LEU A 134 -26.36 -14.06 -11.30
N ARG A 135 -26.62 -14.62 -12.50
CA ARG A 135 -26.44 -13.94 -13.78
C ARG A 135 -27.32 -12.69 -13.79
N ALA A 136 -28.62 -12.79 -13.55
CA ALA A 136 -29.50 -11.64 -13.64
C ALA A 136 -29.17 -10.54 -12.62
N ALA A 137 -28.81 -10.91 -11.38
CA ALA A 137 -28.31 -9.99 -10.35
C ALA A 137 -27.06 -9.20 -10.81
N TRP A 138 -26.08 -9.90 -11.39
CA TRP A 138 -24.82 -9.30 -11.80
C TRP A 138 -24.96 -8.42 -13.04
N ILE A 139 -25.77 -8.86 -14.04
CA ILE A 139 -26.18 -8.01 -15.14
C ILE A 139 -26.77 -6.73 -14.59
N GLN A 140 -27.67 -6.84 -13.59
CA GLN A 140 -28.38 -5.69 -13.06
C GLN A 140 -27.43 -4.74 -12.34
N ASP A 141 -26.55 -5.30 -11.51
CA ASP A 141 -25.62 -4.47 -10.77
C ASP A 141 -24.72 -3.72 -11.75
N ALA A 142 -24.32 -4.40 -12.85
CA ALA A 142 -23.48 -3.80 -13.88
C ALA A 142 -24.21 -2.62 -14.55
N GLU A 143 -25.48 -2.82 -14.88
CA GLU A 143 -26.28 -1.76 -15.47
C GLU A 143 -26.41 -0.58 -14.50
N ALA A 144 -26.56 -0.83 -13.18
CA ALA A 144 -26.70 0.27 -12.23
C ALA A 144 -25.38 1.03 -12.13
N LEU A 145 -24.24 0.30 -12.08
CA LEU A 145 -22.94 0.95 -11.97
C LEU A 145 -22.69 1.82 -13.19
N VAL A 146 -22.99 1.31 -14.38
CA VAL A 146 -22.71 2.03 -15.61
C VAL A 146 -23.64 3.23 -15.73
N ASP A 147 -24.96 3.06 -15.49
CA ASP A 147 -25.90 4.17 -15.55
C ASP A 147 -25.53 5.32 -14.62
N GLN A 148 -25.15 4.99 -13.39
CA GLN A 148 -24.77 5.98 -12.39
C GLN A 148 -23.51 6.71 -12.83
N LEU A 149 -22.48 5.94 -13.27
CA LEU A 149 -21.25 6.55 -13.77
C LEU A 149 -21.54 7.56 -14.90
N LEU A 150 -22.34 7.14 -15.90
CA LEU A 150 -22.57 7.91 -17.11
C LEU A 150 -23.44 9.15 -16.86
N ALA A 151 -24.39 9.08 -15.90
CA ALA A 151 -25.11 10.28 -15.46
C ALA A 151 -24.19 11.37 -14.95
N ASN A 152 -23.02 11.03 -14.38
CA ASN A 152 -22.06 11.99 -13.84
C ASN A 152 -21.01 12.44 -14.86
N THR A 153 -20.27 11.47 -15.46
CA THR A 153 -19.20 11.78 -16.40
C THR A 153 -19.35 10.95 -17.67
N THR A 154 -18.79 11.54 -18.72
CA THR A 154 -18.46 10.89 -19.97
C THR A 154 -16.96 10.55 -20.02
N GLU A 155 -16.15 11.00 -19.03
CA GLU A 155 -14.74 10.71 -18.94
C GLU A 155 -14.37 10.39 -17.50
N PHE A 156 -13.65 9.29 -17.32
CA PHE A 156 -13.39 8.72 -16.02
C PHE A 156 -12.26 7.72 -16.20
N ASP A 157 -11.82 7.17 -15.09
CA ASP A 157 -10.87 6.07 -15.05
C ASP A 157 -11.59 4.72 -15.09
N ALA A 158 -11.25 3.91 -16.07
CA ALA A 158 -11.83 2.59 -16.24
C ALA A 158 -11.36 1.63 -15.14
N VAL A 159 -10.23 1.90 -14.48
CA VAL A 159 -9.73 1.02 -13.41
C VAL A 159 -10.61 1.23 -12.18
N THR A 160 -10.47 2.42 -11.56
CA THR A 160 -11.18 2.77 -10.32
C THR A 160 -12.70 2.71 -10.54
N ASP A 161 -13.25 3.21 -11.69
CA ASP A 161 -14.69 3.36 -11.82
C ASP A 161 -15.40 2.12 -12.36
N LEU A 162 -14.67 1.20 -13.03
CA LEU A 162 -15.31 0.07 -13.67
C LEU A 162 -14.63 -1.23 -13.26
N ALA A 163 -13.35 -1.39 -13.62
CA ALA A 163 -12.67 -2.67 -13.50
C ALA A 163 -12.52 -3.11 -12.03
N ALA A 164 -12.23 -2.18 -11.14
CA ALA A 164 -12.12 -2.36 -9.69
C ALA A 164 -13.50 -2.33 -9.03
N ALA A 165 -14.33 -1.36 -9.44
CA ALA A 165 -15.60 -1.09 -8.81
C ALA A 165 -16.58 -2.26 -8.97
N PHE A 166 -16.59 -2.94 -10.13
CA PHE A 166 -17.60 -3.97 -10.36
C PHE A 166 -17.31 -5.23 -9.57
N PRO A 167 -16.12 -5.87 -9.62
CA PRO A 167 -15.81 -7.00 -8.74
C PRO A 167 -16.04 -6.73 -7.26
N LEU A 168 -15.71 -5.53 -6.79
CA LEU A 168 -15.97 -5.19 -5.40
C LEU A 168 -17.45 -5.07 -5.06
N ARG A 169 -18.33 -4.87 -6.05
CA ARG A 169 -19.77 -4.78 -5.83
C ARG A 169 -20.33 -6.17 -5.65
N VAL A 170 -19.95 -7.09 -6.54
CA VAL A 170 -20.66 -8.35 -6.65
C VAL A 170 -19.93 -9.51 -5.96
N PHE A 171 -18.58 -9.54 -5.99
CA PHE A 171 -17.89 -10.78 -5.66
C PHE A 171 -17.88 -10.97 -4.15
N PRO A 172 -17.44 -10.01 -3.31
CA PRO A 172 -17.47 -10.23 -1.86
C PRO A 172 -18.89 -10.47 -1.31
N ASP A 173 -19.90 -9.88 -1.98
CA ASP A 173 -21.30 -10.16 -1.69
C ASP A 173 -21.69 -11.59 -2.04
N ALA A 174 -21.13 -12.14 -3.13
CA ALA A 174 -21.45 -13.52 -3.51
C ALA A 174 -20.79 -14.52 -2.59
N VAL A 175 -19.56 -14.20 -2.12
CA VAL A 175 -18.88 -15.00 -1.11
C VAL A 175 -19.71 -14.92 0.17
N GLY A 176 -20.25 -13.73 0.47
CA GLY A 176 -21.06 -13.47 1.65
C GLY A 176 -20.22 -12.98 2.83
N ILE A 177 -19.08 -12.31 2.64
CA ILE A 177 -18.35 -11.70 3.76
C ILE A 177 -19.06 -10.40 4.17
N PRO A 178 -18.82 -9.83 5.36
CA PRO A 178 -19.44 -8.55 5.72
C PRO A 178 -18.83 -7.36 4.96
N ASP A 179 -19.36 -6.15 5.18
CA ASP A 179 -18.83 -4.95 4.55
C ASP A 179 -17.55 -4.43 5.20
N ALA A 180 -17.41 -4.55 6.52
CA ALA A 180 -16.21 -4.08 7.23
C ALA A 180 -14.93 -4.76 6.69
N GLY A 181 -13.88 -3.95 6.48
CA GLY A 181 -12.57 -4.40 6.06
C GLY A 181 -12.45 -4.78 4.58
N ARG A 182 -13.43 -4.40 3.74
CA ARG A 182 -13.40 -4.77 2.32
C ARG A 182 -12.24 -4.07 1.60
N GLU A 183 -11.75 -2.96 2.15
CA GLU A 183 -10.56 -2.30 1.65
C GLU A 183 -9.30 -3.15 1.78
N ASN A 184 -9.35 -4.24 2.57
CA ASN A 184 -8.27 -5.21 2.60
C ASN A 184 -8.18 -6.14 1.40
N LEU A 185 -9.23 -6.26 0.56
CA LEU A 185 -9.23 -7.28 -0.49
C LEU A 185 -8.13 -7.06 -1.53
N LEU A 186 -8.04 -5.83 -2.08
CA LEU A 186 -7.02 -5.51 -3.08
C LEU A 186 -5.61 -5.62 -2.50
N PRO A 187 -5.20 -5.00 -1.36
CA PRO A 187 -3.84 -5.20 -0.85
C PRO A 187 -3.50 -6.65 -0.48
N TYR A 188 -4.51 -7.41 -0.03
CA TYR A 188 -4.28 -8.78 0.38
C TYR A 188 -3.88 -9.60 -0.82
N GLY A 189 -4.70 -9.51 -1.88
CA GLY A 189 -4.36 -10.11 -3.16
C GLY A 189 -3.00 -9.65 -3.69
N ASP A 190 -2.79 -8.35 -3.70
CA ASP A 190 -1.54 -7.80 -4.20
C ASP A 190 -0.35 -8.46 -3.54
N HIS A 191 -0.39 -8.53 -2.22
CA HIS A 191 0.71 -9.01 -1.44
C HIS A 191 0.95 -10.48 -1.77
N ALA A 192 -0.14 -11.26 -1.86
CA ALA A 192 -0.05 -12.67 -2.25
C ALA A 192 0.65 -12.87 -3.59
N PHE A 193 0.31 -12.05 -4.58
CA PHE A 193 0.89 -12.16 -5.90
C PHE A 193 2.34 -11.72 -5.91
N ASN A 194 2.64 -10.61 -5.24
CA ASN A 194 4.02 -10.22 -4.99
C ASN A 194 4.82 -11.33 -4.31
N ALA A 195 4.19 -12.01 -3.34
CA ALA A 195 4.91 -12.94 -2.50
C ALA A 195 5.28 -14.21 -3.25
N PHE A 196 4.68 -14.46 -4.42
CA PHE A 196 5.18 -15.53 -5.27
C PHE A 196 6.54 -15.22 -5.92
N GLY A 197 7.01 -13.96 -5.89
CA GLY A 197 8.27 -13.62 -6.52
C GLY A 197 9.38 -13.56 -5.50
N PRO A 198 10.55 -12.96 -5.80
CA PRO A 198 11.59 -12.89 -4.78
C PRO A 198 11.17 -11.97 -3.66
N ALA A 199 11.92 -12.04 -2.56
CA ALA A 199 11.86 -11.08 -1.46
C ALA A 199 12.55 -9.79 -1.88
N ASN A 200 12.05 -9.11 -2.92
CA ASN A 200 12.51 -7.80 -3.38
C ASN A 200 11.66 -6.72 -2.71
N GLY A 201 11.80 -5.45 -3.13
CA GLY A 201 11.13 -4.34 -2.45
C GLY A 201 9.61 -4.43 -2.50
N LEU A 202 9.03 -5.08 -3.51
CA LEU A 202 7.58 -5.14 -3.66
C LEU A 202 6.96 -6.09 -2.62
N VAL A 203 7.76 -7.04 -2.10
CA VAL A 203 7.34 -7.95 -1.08
C VAL A 203 7.60 -7.35 0.31
N GLU A 204 8.78 -6.67 0.45
CA GLU A 204 9.34 -6.26 1.76
C GLU A 204 8.63 -5.02 2.31
N LYS A 205 8.11 -4.19 1.39
CA LYS A 205 7.25 -3.06 1.71
C LYS A 205 5.88 -3.57 2.15
N GLY A 206 5.40 -4.70 1.59
CA GLY A 206 4.13 -5.30 2.02
C GLY A 206 4.16 -5.95 3.42
N ALA A 207 5.37 -6.26 3.98
CA ALA A 207 5.56 -7.26 5.04
C ALA A 207 5.22 -6.75 6.47
N PRO A 208 5.38 -5.46 6.82
CA PRO A 208 4.78 -4.92 8.06
C PRO A 208 3.26 -5.06 8.18
N ARG A 209 2.53 -4.97 7.06
CA ARG A 209 1.05 -4.95 7.03
C ARG A 209 0.45 -6.37 6.87
N VAL A 210 1.29 -7.38 6.70
CA VAL A 210 0.88 -8.77 6.57
C VAL A 210 0.02 -9.19 7.75
N ALA A 211 0.49 -8.97 8.98
CA ALA A 211 -0.19 -9.57 10.10
C ALA A 211 -1.63 -9.09 10.14
N GLU A 212 -1.82 -7.79 9.93
CA GLU A 212 -3.16 -7.22 9.92
C GLU A 212 -3.92 -7.77 8.71
N LEU A 213 -3.29 -7.83 7.53
CA LEU A 213 -3.95 -8.32 6.33
C LEU A 213 -4.42 -9.75 6.54
N SER A 214 -3.53 -10.60 7.08
CA SER A 214 -3.84 -11.98 7.38
C SER A 214 -4.89 -12.09 8.49
N GLY A 215 -4.77 -11.24 9.53
CA GLY A 215 -5.69 -11.21 10.64
C GLY A 215 -7.12 -11.02 10.15
N TRP A 216 -7.30 -10.09 9.22
CA TRP A 216 -8.60 -9.76 8.65
C TRP A 216 -9.20 -10.92 7.85
N VAL A 217 -8.42 -11.51 6.94
CA VAL A 217 -8.92 -12.52 6.01
C VAL A 217 -9.37 -13.77 6.76
N ASN A 218 -8.52 -14.26 7.70
CA ASN A 218 -8.86 -15.39 8.52
C ASN A 218 -10.22 -15.16 9.18
N ALA A 219 -10.46 -13.91 9.65
CA ALA A 219 -11.68 -13.56 10.36
C ALA A 219 -12.89 -13.59 9.44
N GLN A 220 -12.74 -13.29 8.12
CA GLN A 220 -13.88 -13.36 7.22
C GLN A 220 -14.19 -14.79 6.75
N CYS A 221 -13.30 -15.74 7.06
CA CYS A 221 -13.47 -17.12 6.62
C CYS A 221 -14.28 -17.97 7.61
N ALA A 222 -14.46 -17.51 8.86
CA ALA A 222 -15.22 -18.27 9.85
C ALA A 222 -16.68 -18.41 9.42
N ARG A 223 -17.31 -19.53 9.81
CA ARG A 223 -18.71 -19.79 9.50
C ARG A 223 -19.61 -18.66 10.01
N ASP A 224 -19.39 -18.15 11.23
CA ASP A 224 -20.24 -17.10 11.79
C ASP A 224 -19.97 -15.72 11.15
N ALA A 225 -18.87 -15.52 10.37
CA ALA A 225 -18.63 -14.27 9.65
C ALA A 225 -19.42 -14.16 8.34
N LEU A 226 -19.94 -15.26 7.81
CA LEU A 226 -20.47 -15.34 6.47
C LEU A 226 -22.00 -15.36 6.50
N THR A 227 -22.63 -14.73 5.50
CA THR A 227 -24.07 -14.82 5.26
C THR A 227 -24.46 -16.29 5.08
N GLY A 228 -25.78 -16.53 5.03
CA GLY A 228 -26.30 -17.88 5.03
C GLY A 228 -26.27 -18.53 3.66
N ASP A 229 -26.22 -17.75 2.56
CA ASP A 229 -26.46 -18.29 1.21
C ASP A 229 -25.26 -18.26 0.26
N GLY A 230 -24.21 -17.51 0.55
CA GLY A 230 -23.16 -17.30 -0.42
C GLY A 230 -22.26 -18.51 -0.62
N PHE A 231 -21.15 -18.27 -1.31
CA PHE A 231 -20.17 -19.31 -1.59
C PHE A 231 -19.57 -19.84 -0.26
N GLY A 232 -19.31 -18.92 0.68
CA GLY A 232 -18.82 -19.26 2.01
C GLY A 232 -19.72 -20.29 2.73
N ALA A 233 -20.99 -19.91 2.87
CA ALA A 233 -22.04 -20.79 3.34
C ALA A 233 -22.00 -22.15 2.66
N GLN A 234 -21.90 -22.17 1.33
CA GLN A 234 -21.96 -23.40 0.56
C GLN A 234 -20.71 -24.26 0.83
N ILE A 235 -19.54 -23.63 1.00
CA ILE A 235 -18.33 -24.33 1.37
C ILE A 235 -18.51 -25.02 2.74
N TRP A 236 -19.09 -24.31 3.71
CA TRP A 236 -19.32 -24.90 5.02
C TRP A 236 -20.39 -25.99 4.94
N ALA A 237 -21.41 -25.84 4.08
CA ALA A 237 -22.41 -26.88 3.86
C ALA A 237 -21.76 -28.17 3.29
N ALA A 238 -20.80 -28.00 2.37
CA ALA A 238 -20.02 -29.13 1.87
C ALA A 238 -19.22 -29.80 3.00
N ALA A 239 -18.75 -29.02 3.98
CA ALA A 239 -18.04 -29.60 5.10
C ALA A 239 -19.00 -30.42 5.97
N ASP A 240 -20.26 -29.93 6.15
CA ASP A 240 -21.32 -30.66 6.84
C ASP A 240 -21.52 -32.05 6.26
N ARG A 241 -21.51 -32.16 4.92
CA ARG A 241 -21.70 -33.43 4.24
C ARG A 241 -20.44 -34.31 4.24
N GLY A 242 -19.32 -33.84 4.81
CA GLY A 242 -18.08 -34.59 4.85
C GLY A 242 -17.29 -34.55 3.52
N ASP A 243 -17.59 -33.60 2.62
CA ASP A 243 -16.82 -33.42 1.39
C ASP A 243 -15.40 -32.92 1.65
N ILE A 244 -15.33 -31.99 2.63
CA ILE A 244 -14.12 -31.44 3.21
C ILE A 244 -14.33 -31.42 4.72
N THR A 245 -13.27 -31.11 5.50
CA THR A 245 -13.35 -31.01 6.96
C THR A 245 -13.76 -29.59 7.35
N TYR A 246 -14.15 -29.36 8.60
CA TYR A 246 -14.31 -28.02 9.15
C TYR A 246 -12.98 -27.27 9.22
N GLU A 247 -11.84 -27.99 9.29
CA GLU A 247 -10.53 -27.37 9.19
C GLU A 247 -10.16 -26.87 7.78
N GLN A 248 -10.55 -27.61 6.73
CA GLN A 248 -10.41 -27.16 5.35
C GLN A 248 -11.34 -25.99 5.00
N ALA A 249 -12.60 -26.01 5.49
CA ALA A 249 -13.61 -25.02 5.12
C ALA A 249 -13.09 -23.58 5.11
N PRO A 250 -12.51 -23.00 6.20
CA PRO A 250 -12.03 -21.62 6.15
C PRO A 250 -10.93 -21.35 5.12
N LEU A 251 -10.01 -22.32 4.89
CA LEU A 251 -8.93 -22.15 3.91
C LEU A 251 -9.43 -22.20 2.47
N VAL A 252 -10.55 -22.93 2.22
CA VAL A 252 -11.23 -22.92 0.94
C VAL A 252 -11.90 -21.57 0.74
N VAL A 253 -12.56 -21.05 1.78
CA VAL A 253 -13.03 -19.67 1.68
C VAL A 253 -11.87 -18.71 1.38
N ARG A 254 -10.71 -18.87 2.05
CA ARG A 254 -9.54 -18.04 1.91
C ARG A 254 -9.00 -17.99 0.48
N SER A 255 -9.01 -19.13 -0.24
CA SER A 255 -8.65 -19.18 -1.66
C SER A 255 -9.48 -18.15 -2.41
N LEU A 256 -10.82 -18.17 -2.20
CA LEU A 256 -11.70 -17.23 -2.88
C LEU A 256 -11.25 -15.78 -2.62
N LEU A 257 -10.89 -15.48 -1.38
CA LEU A 257 -10.54 -14.11 -1.00
C LEU A 257 -9.08 -13.76 -1.32
N THR A 258 -8.28 -14.71 -1.83
CA THR A 258 -6.94 -14.40 -2.33
C THR A 258 -6.94 -14.17 -3.84
N ALA A 259 -7.58 -15.10 -4.56
CA ALA A 259 -7.54 -15.25 -5.99
C ALA A 259 -8.70 -14.57 -6.69
N GLY A 260 -9.74 -14.24 -5.93
CA GLY A 260 -11.05 -13.96 -6.50
C GLY A 260 -11.22 -12.52 -6.97
N VAL A 261 -10.43 -11.57 -6.45
CA VAL A 261 -10.70 -10.16 -6.67
C VAL A 261 -9.69 -9.53 -7.67
N ASP A 262 -8.42 -9.43 -7.28
CA ASP A 262 -7.38 -8.75 -8.05
C ASP A 262 -7.28 -9.24 -9.49
N THR A 263 -7.37 -10.55 -9.70
CA THR A 263 -7.23 -11.12 -11.02
C THR A 263 -8.30 -10.55 -11.94
N THR A 264 -9.56 -10.54 -11.46
CA THR A 264 -10.68 -10.13 -12.29
C THR A 264 -10.63 -8.63 -12.59
N VAL A 265 -10.18 -7.80 -11.62
CA VAL A 265 -9.95 -6.38 -11.80
C VAL A 265 -8.98 -6.13 -12.97
N ASN A 266 -7.87 -6.84 -12.96
CA ASN A 266 -6.86 -6.69 -13.99
C ASN A 266 -7.30 -7.28 -15.33
N GLY A 267 -8.01 -8.39 -15.31
CA GLY A 267 -8.61 -8.90 -16.53
C GLY A 267 -9.60 -7.91 -17.14
N LEU A 268 -10.39 -7.28 -16.28
CA LEU A 268 -11.40 -6.32 -16.71
C LEU A 268 -10.74 -5.01 -17.19
N ALA A 269 -9.68 -4.54 -16.51
CA ALA A 269 -8.96 -3.36 -17.03
C ALA A 269 -8.32 -3.66 -18.41
N ALA A 270 -7.81 -4.88 -18.62
CA ALA A 270 -7.25 -5.29 -19.91
C ALA A 270 -8.26 -5.28 -21.08
N VAL A 271 -9.45 -5.85 -20.88
CA VAL A 271 -10.42 -5.96 -21.96
C VAL A 271 -11.01 -4.59 -22.26
N LEU A 272 -11.15 -3.76 -21.21
CA LEU A 272 -11.59 -2.37 -21.37
C LEU A 272 -10.54 -1.54 -22.14
N TYR A 273 -9.26 -1.70 -21.77
CA TYR A 273 -8.15 -1.07 -22.49
C TYR A 273 -8.11 -1.53 -23.96
N ALA A 274 -8.27 -2.84 -24.18
CA ALA A 274 -8.35 -3.38 -25.53
C ALA A 274 -9.48 -2.74 -26.33
N PHE A 275 -10.69 -2.67 -25.77
CA PHE A 275 -11.79 -2.12 -26.53
C PHE A 275 -11.63 -0.64 -26.75
N ALA A 276 -11.04 0.07 -25.78
CA ALA A 276 -10.76 1.48 -25.91
C ALA A 276 -9.75 1.73 -27.05
N THR A 277 -8.93 0.73 -27.41
CA THR A 277 -7.84 0.79 -28.38
C THR A 277 -8.22 0.13 -29.72
N HIS A 278 -9.42 -0.50 -29.83
CA HIS A 278 -9.79 -1.32 -30.95
C HIS A 278 -11.23 -1.00 -31.33
N PRO A 279 -11.52 0.15 -31.98
CA PRO A 279 -12.89 0.57 -32.26
C PRO A 279 -13.70 -0.39 -33.13
N ASP A 280 -13.00 -1.15 -34.01
CA ASP A 280 -13.70 -2.12 -34.80
C ASP A 280 -14.15 -3.29 -33.93
N GLN A 281 -13.29 -3.71 -33.02
CA GLN A 281 -13.62 -4.81 -32.14
C GLN A 281 -14.75 -4.41 -31.17
N TRP A 282 -14.73 -3.16 -30.69
CA TRP A 282 -15.81 -2.62 -29.88
C TRP A 282 -17.12 -2.69 -30.64
N ALA A 283 -17.11 -2.24 -31.91
CA ALA A 283 -18.31 -2.34 -32.74
C ALA A 283 -18.77 -3.79 -32.93
N ARG A 284 -17.82 -4.74 -32.97
CA ARG A 284 -18.17 -6.15 -33.13
C ARG A 284 -18.90 -6.67 -31.88
N LEU A 285 -18.43 -6.31 -30.69
CA LEU A 285 -19.15 -6.63 -29.46
C LEU A 285 -20.56 -6.04 -29.45
N ARG A 286 -20.67 -4.75 -29.76
CA ARG A 286 -21.95 -4.07 -29.82
C ARG A 286 -22.88 -4.71 -30.84
N GLU A 287 -22.35 -5.41 -31.87
CA GLU A 287 -23.18 -6.10 -32.83
C GLU A 287 -23.60 -7.47 -32.30
N ASN A 288 -22.75 -8.12 -31.50
CA ASN A 288 -23.06 -9.42 -30.97
C ASN A 288 -22.58 -9.56 -29.50
N ARG A 289 -23.51 -9.30 -28.56
CA ARG A 289 -23.23 -9.25 -27.12
C ARG A 289 -22.72 -10.59 -26.58
N THR A 290 -23.04 -11.70 -27.29
CA THR A 290 -22.57 -13.04 -26.98
C THR A 290 -21.06 -13.17 -27.20
N LEU A 291 -20.44 -12.21 -27.93
CA LEU A 291 -18.98 -12.12 -27.99
C LEU A 291 -18.31 -11.77 -26.65
N ALA A 292 -19.03 -11.34 -25.62
CA ALA A 292 -18.41 -10.94 -24.37
C ALA A 292 -17.51 -12.02 -23.77
N ARG A 293 -17.91 -13.28 -23.77
CA ARG A 293 -17.14 -14.32 -23.09
C ARG A 293 -15.79 -14.50 -23.78
N THR A 294 -15.86 -14.59 -25.11
CA THR A 294 -14.69 -14.77 -25.92
C THR A 294 -13.83 -13.48 -25.92
N ALA A 295 -14.46 -12.30 -25.85
CA ALA A 295 -13.70 -11.07 -25.67
C ALA A 295 -12.82 -11.12 -24.43
N PHE A 296 -13.38 -11.60 -23.30
CA PHE A 296 -12.62 -11.62 -22.06
C PHE A 296 -11.47 -12.63 -22.11
N ASP A 297 -11.70 -13.84 -22.72
CA ASP A 297 -10.68 -14.87 -22.84
C ASP A 297 -9.50 -14.43 -23.72
N GLU A 298 -9.80 -13.64 -24.75
CA GLU A 298 -8.80 -13.06 -25.65
C GLU A 298 -7.99 -11.99 -24.91
N ALA A 299 -8.64 -11.19 -24.08
CA ALA A 299 -7.93 -10.27 -23.20
C ALA A 299 -7.01 -11.04 -22.26
N VAL A 300 -7.51 -12.14 -21.68
CA VAL A 300 -6.71 -12.93 -20.75
C VAL A 300 -5.49 -13.54 -21.48
N ARG A 301 -5.66 -14.06 -22.70
CA ARG A 301 -4.52 -14.51 -23.47
C ARG A 301 -3.53 -13.35 -23.68
N TRP A 302 -4.05 -12.26 -24.22
CA TRP A 302 -3.26 -11.16 -24.76
C TRP A 302 -2.52 -10.42 -23.63
N GLU A 303 -3.25 -10.09 -22.57
CA GLU A 303 -2.66 -9.48 -21.37
C GLU A 303 -1.96 -10.48 -20.44
N SER A 304 -2.57 -11.66 -20.22
CA SER A 304 -2.07 -12.65 -19.24
C SER A 304 -1.91 -12.05 -17.83
N PRO A 305 -3.04 -11.63 -17.19
CA PRO A 305 -3.01 -11.02 -15.86
C PRO A 305 -2.12 -11.74 -14.84
N VAL A 306 -2.18 -13.06 -14.78
CA VAL A 306 -1.18 -13.86 -14.11
C VAL A 306 -0.11 -14.23 -15.12
N GLN A 307 1.10 -13.74 -14.86
CA GLN A 307 2.22 -13.83 -15.77
C GLN A 307 3.06 -15.08 -15.58
N THR A 308 3.24 -15.51 -14.32
CA THR A 308 4.18 -16.57 -14.00
C THR A 308 3.68 -17.41 -12.84
N PHE A 309 4.09 -18.68 -12.86
CA PHE A 309 4.07 -19.52 -11.69
C PHE A 309 5.23 -20.49 -11.78
N PHE A 310 5.60 -21.03 -10.60
CA PHE A 310 6.64 -22.03 -10.39
C PHE A 310 6.02 -23.39 -10.16
N ARG A 311 6.75 -24.42 -10.56
CA ARG A 311 6.57 -25.78 -10.05
C ARG A 311 7.93 -26.29 -9.59
N THR A 312 7.96 -27.43 -8.88
CA THR A 312 9.18 -28.04 -8.38
C THR A 312 9.22 -29.44 -8.95
N ALA A 313 10.39 -29.83 -9.43
CA ALA A 313 10.58 -31.13 -10.06
C ALA A 313 10.68 -32.19 -8.96
N THR A 314 9.91 -33.26 -9.13
CA THR A 314 9.83 -34.39 -8.20
C THR A 314 10.87 -35.45 -8.55
N ARG A 315 11.34 -35.43 -9.80
CA ARG A 315 12.35 -36.35 -10.30
C ARG A 315 13.13 -35.60 -11.37
N ASP A 316 14.29 -36.18 -11.79
CA ASP A 316 14.89 -35.72 -13.04
C ASP A 316 13.86 -35.90 -14.14
N THR A 317 13.53 -34.80 -14.83
CA THR A 317 12.46 -34.78 -15.83
C THR A 317 12.98 -34.05 -17.06
N GLU A 318 12.70 -34.59 -18.24
CA GLU A 318 13.25 -34.00 -19.42
C GLU A 318 12.13 -33.21 -20.09
N ILE A 319 12.32 -31.89 -20.26
CA ILE A 319 11.33 -31.08 -20.94
C ILE A 319 12.09 -30.13 -21.87
N GLY A 320 11.54 -29.89 -23.06
CA GLY A 320 12.14 -28.97 -24.02
C GLY A 320 13.58 -29.34 -24.39
N GLY A 321 13.91 -30.65 -24.43
CA GLY A 321 15.28 -31.11 -24.69
C GLY A 321 16.19 -31.05 -23.46
N ALA A 322 15.81 -30.36 -22.36
CA ALA A 322 16.62 -30.17 -21.15
C ALA A 322 16.20 -31.08 -20.01
N THR A 323 17.16 -31.47 -19.15
CA THR A 323 16.90 -32.22 -17.92
C THR A 323 16.74 -31.23 -16.80
N ILE A 324 15.57 -31.20 -16.15
CA ILE A 324 15.41 -30.42 -14.93
C ILE A 324 15.70 -31.36 -13.77
N PRO A 325 16.78 -31.11 -12.96
CA PRO A 325 17.12 -31.99 -11.86
C PRO A 325 16.03 -32.04 -10.81
N ASP A 326 15.92 -33.23 -10.21
CA ASP A 326 15.07 -33.48 -9.07
C ASP A 326 15.35 -32.38 -8.07
N GLY A 327 14.29 -31.76 -7.57
CA GLY A 327 14.41 -30.78 -6.51
C GLY A 327 14.46 -29.36 -7.02
N LYS A 328 14.69 -29.10 -8.32
CA LYS A 328 14.80 -27.72 -8.81
C LYS A 328 13.46 -27.23 -9.34
N LYS A 329 13.31 -25.90 -9.35
CA LYS A 329 12.07 -25.24 -9.78
C LYS A 329 12.11 -24.83 -11.27
N ILE A 330 10.95 -24.95 -11.92
CA ILE A 330 10.66 -24.31 -13.19
C ILE A 330 9.84 -23.06 -12.92
N LEU A 331 10.07 -22.08 -13.80
CA LEU A 331 9.32 -20.86 -13.97
C LEU A 331 8.62 -20.85 -15.33
N MET A 332 7.30 -20.89 -15.27
CA MET A 332 6.46 -20.93 -16.43
C MET A 332 5.94 -19.51 -16.66
N PHE A 333 6.21 -19.00 -17.87
CA PHE A 333 5.80 -17.69 -18.33
C PHE A 333 4.55 -17.86 -19.16
N LEU A 334 3.42 -17.71 -18.48
CA LEU A 334 2.10 -17.76 -19.08
C LEU A 334 1.92 -16.72 -20.18
N GLY A 335 2.27 -15.47 -19.89
CA GLY A 335 2.16 -14.38 -20.85
C GLY A 335 2.94 -14.66 -22.13
N ALA A 336 4.19 -15.10 -21.98
CA ALA A 336 5.05 -15.55 -23.08
C ALA A 336 4.42 -16.65 -23.93
N ALA A 337 3.97 -17.75 -23.28
CA ALA A 337 3.32 -18.84 -23.97
C ALA A 337 2.08 -18.35 -24.72
N ASN A 338 1.33 -17.41 -24.12
CA ASN A 338 0.12 -16.88 -24.70
C ASN A 338 0.35 -15.96 -25.89
N ARG A 339 1.59 -15.47 -26.07
CA ARG A 339 2.02 -14.75 -27.27
C ARG A 339 3.12 -15.50 -28.04
N ASP A 340 3.25 -16.81 -27.87
CA ASP A 340 4.18 -17.63 -28.66
C ASP A 340 3.60 -17.76 -30.07
N PRO A 341 4.33 -17.30 -31.11
CA PRO A 341 3.84 -17.41 -32.48
C PRO A 341 3.87 -18.84 -32.99
N ARG A 342 4.53 -19.78 -32.31
CA ARG A 342 4.39 -21.19 -32.61
C ARG A 342 2.94 -21.69 -32.42
N ARG A 343 2.15 -21.06 -31.55
CA ARG A 343 0.76 -21.50 -31.29
C ARG A 343 -0.24 -20.48 -31.80
N TRP A 344 0.14 -19.21 -31.91
CA TRP A 344 -0.78 -18.11 -32.12
C TRP A 344 -0.32 -17.29 -33.32
N GLU A 345 -1.25 -17.04 -34.23
CA GLU A 345 -0.98 -16.29 -35.44
C GLU A 345 -1.04 -14.82 -35.05
N ASN A 346 0.02 -14.03 -35.36
CA ASN A 346 0.01 -12.61 -35.02
C ASN A 346 -0.36 -12.41 -33.53
N PRO A 347 0.45 -12.95 -32.58
CA PRO A 347 0.05 -13.04 -31.19
C PRO A 347 -0.12 -11.70 -30.49
N GLU A 348 0.52 -10.62 -30.99
CA GLU A 348 0.49 -9.34 -30.31
C GLU A 348 -0.85 -8.63 -30.45
N VAL A 349 -1.71 -9.13 -31.31
CA VAL A 349 -2.95 -8.48 -31.67
C VAL A 349 -4.03 -8.98 -30.72
N PHE A 350 -4.81 -8.07 -30.13
CA PHE A 350 -6.09 -8.40 -29.54
C PHE A 350 -7.13 -8.53 -30.67
N ASP A 351 -7.71 -9.74 -30.84
CA ASP A 351 -8.71 -10.01 -31.89
C ASP A 351 -9.80 -10.96 -31.38
N LEU A 352 -11.02 -10.46 -31.23
CA LEU A 352 -12.15 -11.29 -30.79
C LEU A 352 -12.54 -12.27 -31.89
N GLY A 353 -12.10 -12.05 -33.13
CA GLY A 353 -12.20 -13.03 -34.20
C GLY A 353 -11.38 -14.29 -33.92
N ARG A 354 -10.29 -14.19 -33.15
CA ARG A 354 -9.42 -15.31 -32.83
C ARG A 354 -10.18 -16.23 -31.91
N ASN A 355 -10.06 -17.54 -32.11
CA ASN A 355 -10.44 -18.49 -31.06
C ASN A 355 -9.29 -18.55 -30.03
N PRO A 356 -9.42 -17.96 -28.80
CA PRO A 356 -8.38 -18.05 -27.79
C PRO A 356 -8.38 -19.33 -26.94
N SER A 357 -9.29 -20.24 -27.24
CA SER A 357 -9.37 -21.48 -26.51
C SER A 357 -8.02 -22.21 -26.60
N GLY A 358 -7.52 -22.67 -25.44
CA GLY A 358 -6.19 -23.25 -25.36
C GLY A 358 -5.17 -22.28 -24.79
N HIS A 359 -5.53 -21.02 -24.49
CA HIS A 359 -4.60 -20.13 -23.83
C HIS A 359 -4.32 -20.69 -22.43
N VAL A 360 -3.13 -20.33 -21.91
CA VAL A 360 -2.74 -20.78 -20.60
C VAL A 360 -2.88 -19.65 -19.57
N GLY A 361 -3.66 -18.61 -19.84
CA GLY A 361 -3.89 -17.54 -18.89
C GLY A 361 -4.56 -17.97 -17.57
N TYR A 362 -5.35 -19.05 -17.57
CA TYR A 362 -5.92 -19.68 -16.39
C TYR A 362 -5.13 -20.90 -15.93
N GLY A 363 -3.99 -21.20 -16.59
CA GLY A 363 -3.26 -22.43 -16.34
C GLY A 363 -3.87 -23.55 -17.17
N MET A 364 -3.61 -24.81 -16.77
CA MET A 364 -3.96 -25.96 -17.60
C MET A 364 -3.83 -27.25 -16.77
N GLY A 365 -4.75 -28.22 -16.96
CA GLY A 365 -4.71 -29.45 -16.17
C GLY A 365 -5.38 -29.26 -14.80
N ILE A 366 -4.90 -29.99 -13.76
CA ILE A 366 -5.69 -30.20 -12.57
C ILE A 366 -5.83 -28.93 -11.72
N HIS A 367 -4.91 -27.97 -11.84
CA HIS A 367 -5.00 -26.72 -11.09
C HIS A 367 -5.64 -25.60 -11.90
N GLN A 368 -6.11 -25.88 -13.13
CA GLN A 368 -6.56 -24.78 -13.99
C GLN A 368 -7.67 -24.01 -13.27
N CYS A 369 -7.65 -22.68 -13.44
CA CYS A 369 -8.42 -21.73 -12.65
C CYS A 369 -9.84 -22.21 -12.45
N VAL A 370 -10.17 -22.41 -11.18
CA VAL A 370 -11.48 -22.90 -10.79
C VAL A 370 -12.49 -21.73 -10.79
N GLY A 371 -12.03 -20.47 -10.94
CA GLY A 371 -12.90 -19.31 -10.96
C GLY A 371 -13.17 -18.73 -12.35
N GLN A 372 -12.91 -19.46 -13.40
CA GLN A 372 -13.04 -18.94 -14.75
C GLN A 372 -14.48 -18.66 -15.13
N HIS A 373 -15.43 -19.47 -14.66
CA HIS A 373 -16.85 -19.21 -14.87
C HIS A 373 -17.25 -17.94 -14.16
N VAL A 374 -16.58 -17.59 -13.07
CA VAL A 374 -16.92 -16.37 -12.35
C VAL A 374 -16.43 -15.14 -13.12
N ALA A 375 -15.12 -15.18 -13.50
CA ALA A 375 -14.48 -14.17 -14.33
C ALA A 375 -15.31 -13.84 -15.57
N ARG A 376 -15.70 -14.88 -16.29
CA ARG A 376 -16.40 -14.70 -17.54
C ARG A 376 -17.77 -14.07 -17.32
N LEU A 377 -18.49 -14.52 -16.30
CA LEU A 377 -19.80 -13.94 -16.03
C LEU A 377 -19.67 -12.45 -15.65
N GLU A 378 -18.65 -12.14 -14.85
CA GLU A 378 -18.35 -10.76 -14.52
C GLU A 378 -18.17 -9.93 -15.80
N SER A 379 -17.24 -10.36 -16.67
CA SER A 379 -17.02 -9.69 -17.96
C SER A 379 -18.30 -9.60 -18.78
N GLU A 380 -19.10 -10.66 -18.84
CA GLU A 380 -20.34 -10.66 -19.63
C GLU A 380 -21.30 -9.57 -19.12
N ALA A 381 -21.44 -9.51 -17.80
CA ALA A 381 -22.28 -8.48 -17.17
C ALA A 381 -21.79 -7.04 -17.45
N LEU A 382 -20.54 -6.76 -17.12
CA LEU A 382 -20.00 -5.43 -17.29
C LEU A 382 -19.97 -4.99 -18.77
N LEU A 383 -19.52 -5.89 -19.67
CA LEU A 383 -19.40 -5.56 -21.08
C LEU A 383 -20.76 -5.29 -21.68
N THR A 384 -21.76 -6.05 -21.26
CA THR A 384 -23.08 -5.90 -21.80
C THR A 384 -23.63 -4.55 -21.34
N ALA A 385 -23.41 -4.20 -20.07
CA ALA A 385 -23.93 -2.93 -19.53
C ALA A 385 -23.28 -1.74 -20.26
N LEU A 386 -21.97 -1.86 -20.49
CA LEU A 386 -21.22 -0.80 -21.15
C LEU A 386 -21.67 -0.61 -22.61
N ALA A 387 -21.75 -1.71 -23.36
CA ALA A 387 -22.09 -1.68 -24.75
C ALA A 387 -23.52 -1.18 -24.92
N SER A 388 -24.37 -1.44 -23.93
CA SER A 388 -25.73 -0.94 -23.95
C SER A 388 -25.79 0.59 -24.05
N ARG A 389 -24.84 1.31 -23.46
CA ARG A 389 -24.90 2.77 -23.34
C ARG A 389 -23.85 3.52 -24.17
N VAL A 390 -22.80 2.85 -24.63
CA VAL A 390 -21.60 3.50 -25.13
C VAL A 390 -21.48 3.19 -26.62
N HIS A 391 -21.59 4.25 -27.42
CA HIS A 391 -21.48 4.20 -28.86
C HIS A 391 -20.01 3.91 -29.23
N SER A 392 -19.10 4.72 -28.67
CA SER A 392 -17.69 4.51 -28.90
C SER A 392 -16.88 4.96 -27.67
N LEU A 393 -15.66 4.43 -27.60
CA LEU A 393 -14.80 4.58 -26.44
C LEU A 393 -13.40 4.91 -26.94
N GLU A 394 -12.69 5.83 -26.26
CA GLU A 394 -11.30 6.01 -26.56
C GLU A 394 -10.48 6.19 -25.28
N ILE A 395 -9.16 6.12 -25.42
CA ILE A 395 -8.21 6.44 -24.36
C ILE A 395 -8.14 7.95 -24.20
N ALA A 396 -8.34 8.48 -22.98
CA ALA A 396 -8.53 9.89 -22.75
C ALA A 396 -7.28 10.50 -22.12
N GLY A 397 -6.18 9.77 -21.91
CA GLY A 397 -5.09 10.23 -21.09
C GLY A 397 -4.03 9.14 -20.96
N PRO A 398 -2.88 9.41 -20.31
CA PRO A 398 -1.85 8.38 -20.13
C PRO A 398 -2.32 7.18 -19.30
N VAL A 399 -1.94 5.98 -19.71
CA VAL A 399 -2.20 4.81 -18.91
C VAL A 399 -1.00 4.54 -18.00
N HIS A 400 -1.31 3.95 -16.85
CA HIS A 400 -0.32 3.68 -15.80
C HIS A 400 -0.56 2.27 -15.31
N ARG A 401 0.51 1.49 -15.30
CA ARG A 401 0.55 0.19 -14.66
C ARG A 401 0.77 0.34 -13.17
N HIS A 402 0.38 -0.73 -12.44
CA HIS A 402 0.77 -1.00 -11.06
C HIS A 402 1.71 -2.21 -11.09
N LEU A 403 2.94 -2.04 -10.60
CA LEU A 403 3.96 -3.08 -10.64
C LEU A 403 3.67 -4.19 -9.60
N ASN A 404 3.91 -5.43 -10.01
CA ASN A 404 3.72 -6.60 -9.15
C ASN A 404 4.59 -7.70 -9.71
N ASN A 405 5.17 -8.51 -8.83
CA ASN A 405 6.02 -9.61 -9.27
C ASN A 405 5.30 -10.63 -10.16
N THR A 406 4.00 -10.90 -9.93
CA THR A 406 3.33 -12.00 -10.63
C THR A 406 2.10 -11.58 -11.46
N LEU A 407 1.46 -10.47 -11.10
CA LEU A 407 0.20 -10.04 -11.65
C LEU A 407 0.46 -8.80 -12.51
N ARG A 408 0.02 -8.76 -13.77
CA ARG A 408 0.07 -7.56 -14.59
C ARG A 408 -1.10 -6.69 -14.15
N SER A 409 -0.84 -5.59 -13.43
CA SER A 409 -1.89 -4.78 -12.82
C SER A 409 -1.90 -3.42 -13.47
N TRP A 410 -3.12 -2.94 -13.68
CA TRP A 410 -3.44 -1.62 -14.19
C TRP A 410 -3.72 -0.67 -13.05
N GLU A 411 -3.09 0.50 -13.04
CA GLU A 411 -3.42 1.52 -12.07
C GLU A 411 -4.45 2.50 -12.61
N SER A 412 -4.29 2.98 -13.85
CA SER A 412 -5.16 4.00 -14.43
C SER A 412 -5.35 3.81 -15.94
N VAL A 413 -6.61 3.79 -16.39
CA VAL A 413 -6.92 3.76 -17.81
C VAL A 413 -7.97 4.83 -18.06
N PRO A 414 -7.57 6.10 -18.28
CA PRO A 414 -8.56 7.15 -18.58
C PRO A 414 -9.23 6.88 -19.91
N VAL A 415 -10.57 6.98 -19.87
CA VAL A 415 -11.35 6.79 -21.07
C VAL A 415 -12.37 7.91 -21.20
N LYS A 416 -12.73 8.17 -22.47
CA LYS A 416 -13.75 9.10 -22.90
C LYS A 416 -14.72 8.26 -23.70
N VAL A 417 -16.01 8.36 -23.43
CA VAL A 417 -17.05 7.60 -24.10
C VAL A 417 -17.94 8.57 -24.87
N ARG A 418 -18.49 8.09 -25.99
CA ARG A 418 -19.47 8.86 -26.74
C ARG A 418 -20.76 8.09 -26.60
N LEU A 419 -21.79 8.75 -26.10
CA LEU A 419 -23.14 8.18 -25.97
C LEU A 419 -23.81 8.25 -27.34
N PRO A 420 -24.73 7.31 -27.67
CA PRO A 420 -25.45 7.36 -28.96
C PRO A 420 -26.37 8.54 -29.11
N ALA B 27 -28.81 7.89 11.66
CA ALA B 27 -28.58 8.28 13.06
C ALA B 27 -27.29 7.57 13.50
N LEU B 28 -26.13 8.26 13.30
CA LEU B 28 -24.83 7.90 13.87
C LEU B 28 -24.48 8.83 15.04
N PRO B 29 -23.47 8.53 15.89
CA PRO B 29 -23.09 9.46 16.93
C PRO B 29 -22.70 10.82 16.37
N VAL B 30 -23.16 11.89 17.03
CA VAL B 30 -22.88 13.27 16.65
C VAL B 30 -22.26 13.97 17.84
N SER B 31 -21.37 14.92 17.60
CA SER B 31 -20.80 15.68 18.68
C SER B 31 -20.53 17.15 18.26
N ASP B 32 -20.56 18.07 19.25
CA ASP B 32 -20.07 19.44 19.12
C ASP B 32 -18.62 19.55 19.55
N ALA B 33 -17.97 18.45 19.87
CA ALA B 33 -16.54 18.47 20.21
C ALA B 33 -15.74 19.16 19.08
N ASP B 34 -14.87 20.08 19.50
CA ASP B 34 -13.93 20.79 18.67
C ASP B 34 -12.52 20.25 18.94
N PRO B 35 -11.99 19.35 18.08
CA PRO B 35 -10.64 18.85 18.27
C PRO B 35 -9.51 19.88 18.14
N PHE B 36 -9.83 21.10 17.69
CA PHE B 36 -8.82 22.15 17.55
C PHE B 36 -8.99 23.22 18.63
N ALA B 37 -9.95 23.04 19.58
CA ALA B 37 -10.08 23.96 20.70
C ALA B 37 -8.85 23.81 21.59
N LEU B 38 -8.44 24.93 22.19
CA LEU B 38 -7.22 24.99 22.97
C LEU B 38 -7.18 23.98 24.11
N ASP B 39 -8.34 23.69 24.71
CA ASP B 39 -8.42 22.74 25.82
C ASP B 39 -8.03 21.32 25.37
N VAL B 40 -8.57 20.92 24.22
CA VAL B 40 -8.28 19.63 23.64
C VAL B 40 -6.81 19.54 23.20
N LEU B 41 -6.31 20.56 22.50
CA LEU B 41 -4.93 20.52 22.04
C LEU B 41 -3.95 20.42 23.21
N GLN B 42 -4.28 21.12 24.31
CA GLN B 42 -3.45 21.12 25.52
C GLN B 42 -3.42 19.71 26.11
N ASP B 43 -4.57 19.04 26.17
CA ASP B 43 -4.66 17.67 26.62
C ASP B 43 -5.76 16.93 25.87
N PRO B 44 -5.39 16.21 24.81
CA PRO B 44 -6.39 15.57 23.96
C PRO B 44 -6.86 14.20 24.41
N LEU B 45 -6.33 13.66 25.50
CA LEU B 45 -6.60 12.30 25.93
C LEU B 45 -8.06 12.07 26.31
N PRO B 46 -8.74 12.96 27.08
CA PRO B 46 -10.19 12.87 27.22
C PRO B 46 -11.03 12.81 25.94
N PHE B 47 -10.72 13.66 24.95
CA PHE B 47 -11.43 13.67 23.69
C PHE B 47 -11.20 12.34 22.96
N GLN B 48 -9.96 11.81 23.01
CA GLN B 48 -9.61 10.57 22.32
C GLN B 48 -10.47 9.40 22.82
N ALA B 49 -10.61 9.32 24.16
CA ALA B 49 -11.36 8.25 24.78
C ALA B 49 -12.84 8.35 24.44
N ASN B 50 -13.38 9.58 24.44
CA ASN B 50 -14.78 9.79 24.07
C ASN B 50 -15.08 9.47 22.61
N LEU B 51 -14.10 9.75 21.74
CA LEU B 51 -14.24 9.44 20.33
C LEU B 51 -14.32 7.93 20.14
N ARG B 52 -13.33 7.19 20.66
CA ARG B 52 -13.32 5.74 20.60
C ARG B 52 -14.57 5.13 21.21
N ASP B 53 -15.02 5.63 22.38
CA ASP B 53 -16.14 5.00 23.08
C ASP B 53 -17.48 5.25 22.36
N ALA B 54 -17.63 6.38 21.67
CA ALA B 54 -18.89 6.77 21.05
C ALA B 54 -19.35 5.79 19.95
N GLY B 55 -18.41 5.45 19.08
CA GLY B 55 -18.67 4.53 17.99
C GLY B 55 -17.43 4.50 17.11
N PRO B 56 -17.35 3.67 16.06
CA PRO B 56 -16.25 3.80 15.10
C PRO B 56 -16.26 5.13 14.34
N VAL B 57 -17.44 5.67 14.03
CA VAL B 57 -17.61 6.93 13.31
C VAL B 57 -18.41 7.90 14.16
N VAL B 58 -17.94 9.15 14.28
CA VAL B 58 -18.61 10.23 14.99
C VAL B 58 -18.63 11.47 14.09
N TYR B 59 -19.82 11.98 13.81
CA TYR B 59 -20.02 13.18 13.05
C TYR B 59 -19.77 14.37 13.95
N LEU B 60 -18.76 15.16 13.58
CA LEU B 60 -18.46 16.44 14.23
C LEU B 60 -19.30 17.55 13.59
N ARG B 61 -20.45 17.91 14.21
CA ARG B 61 -21.29 18.96 13.64
C ARG B 61 -20.56 20.28 13.39
N ARG B 62 -19.54 20.64 14.17
CA ARG B 62 -18.86 21.91 14.05
C ARG B 62 -18.22 22.00 12.66
N TYR B 63 -17.65 20.90 12.17
CA TYR B 63 -16.89 20.97 10.94
C TYR B 63 -17.56 20.22 9.78
N ASP B 64 -18.63 19.45 9.99
CA ASP B 64 -19.22 18.63 8.92
C ASP B 64 -18.20 17.61 8.41
N VAL B 65 -17.54 16.91 9.35
CA VAL B 65 -16.60 15.84 9.03
C VAL B 65 -16.91 14.63 9.90
N PHE B 66 -16.38 13.50 9.48
CA PHE B 66 -16.64 12.21 10.12
C PHE B 66 -15.34 11.78 10.80
N ALA B 67 -15.36 11.70 12.14
CA ALA B 67 -14.17 11.43 12.95
C ALA B 67 -14.03 9.93 13.21
N LEU B 68 -12.77 9.49 13.21
CA LEU B 68 -12.37 8.11 13.48
C LEU B 68 -11.23 8.06 14.50
N GLY B 69 -11.37 7.21 15.52
CA GLY B 69 -10.47 7.18 16.66
C GLY B 69 -9.94 5.78 16.96
N ARG B 70 -10.63 4.73 16.50
CA ARG B 70 -10.25 3.36 16.74
C ARG B 70 -9.27 2.93 15.65
N TYR B 71 -8.29 2.13 16.07
CA TYR B 71 -7.30 1.54 15.20
C TYR B 71 -7.92 0.92 13.94
N GLU B 72 -9.01 0.16 14.07
CA GLU B 72 -9.55 -0.59 12.95
C GLU B 72 -9.91 0.34 11.78
N GLN B 73 -10.66 1.42 12.10
CA GLN B 73 -11.15 2.30 11.07
C GLN B 73 -10.07 3.27 10.60
N VAL B 74 -9.16 3.67 11.51
CA VAL B 74 -8.08 4.58 11.16
C VAL B 74 -7.15 3.87 10.19
N HIS B 75 -6.84 2.61 10.44
CA HIS B 75 -6.00 1.83 9.57
C HIS B 75 -6.64 1.68 8.17
N ALA B 76 -7.93 1.34 8.15
CA ALA B 76 -8.72 1.17 6.93
C ALA B 76 -8.75 2.45 6.08
N ALA B 77 -9.02 3.56 6.74
CA ALA B 77 -9.12 4.83 6.07
C ALA B 77 -7.77 5.25 5.47
N LEU B 78 -6.67 5.07 6.21
CA LEU B 78 -5.33 5.41 5.73
C LEU B 78 -4.98 4.61 4.47
N THR B 79 -5.27 3.31 4.43
CA THR B 79 -4.83 2.48 3.32
C THR B 79 -5.70 2.68 2.09
N ASP B 80 -6.97 3.06 2.27
CA ASP B 80 -7.94 3.01 1.18
C ASP B 80 -7.92 4.33 0.42
N TRP B 81 -6.87 4.48 -0.40
CA TRP B 81 -6.64 5.72 -1.13
C TRP B 81 -7.66 5.94 -2.27
N GLN B 82 -8.20 4.84 -2.80
CA GLN B 82 -9.24 4.87 -3.84
C GLN B 82 -10.51 5.56 -3.32
N SER B 83 -10.95 5.26 -2.10
CA SER B 83 -12.12 5.87 -1.48
C SER B 83 -11.82 7.20 -0.81
N PHE B 84 -10.66 7.30 -0.13
CA PHE B 84 -10.28 8.40 0.72
C PHE B 84 -9.05 9.04 0.11
N GLN B 85 -9.29 10.06 -0.73
CA GLN B 85 -8.22 10.68 -1.49
C GLN B 85 -7.50 11.73 -0.66
N SER B 86 -6.26 12.07 -1.08
CA SER B 86 -5.47 13.15 -0.48
C SER B 86 -5.37 14.43 -1.33
N ALA B 87 -5.74 14.41 -2.62
CA ALA B 87 -5.49 15.55 -3.51
C ALA B 87 -6.45 16.72 -3.26
N ALA B 88 -7.60 16.48 -2.58
CA ALA B 88 -8.44 17.58 -2.14
C ALA B 88 -7.93 18.15 -0.83
N GLY B 89 -6.72 17.73 -0.39
CA GLY B 89 -6.09 18.19 0.82
C GLY B 89 -6.23 17.15 1.95
N VAL B 90 -5.20 17.04 2.78
CA VAL B 90 -5.30 16.23 3.98
C VAL B 90 -5.52 17.11 5.21
N GLY B 91 -5.80 18.42 5.03
CA GLY B 91 -6.24 19.27 6.12
C GLY B 91 -7.77 19.39 6.08
N LEU B 92 -8.30 20.24 6.98
CA LEU B 92 -9.71 20.60 6.97
C LEU B 92 -10.10 21.21 5.61
N SER B 93 -9.23 22.09 5.13
CA SER B 93 -9.53 22.90 3.97
C SER B 93 -9.70 21.98 2.76
N ASN B 94 -10.75 22.21 2.02
CA ASN B 94 -11.11 21.42 0.86
C ASN B 94 -10.65 22.14 -0.42
N PHE B 95 -9.70 21.54 -1.17
CA PHE B 95 -9.10 22.21 -2.32
C PHE B 95 -10.03 22.20 -3.52
N ARG B 96 -11.12 21.43 -3.42
CA ARG B 96 -12.21 21.60 -4.35
C ARG B 96 -12.65 23.07 -4.39
N TYR B 97 -12.66 23.77 -3.24
CA TYR B 97 -13.23 25.12 -3.17
C TYR B 97 -12.25 26.16 -2.65
N GLU B 98 -11.37 25.78 -1.69
CA GLU B 98 -10.57 26.73 -0.94
C GLU B 98 -9.15 26.81 -1.53
N THR B 99 -8.62 28.03 -1.46
CA THR B 99 -7.30 28.37 -1.97
C THR B 99 -6.23 27.83 -1.02
N PRO B 100 -5.30 26.92 -1.39
CA PRO B 100 -4.23 26.49 -0.48
C PRO B 100 -3.28 27.61 -0.09
N TRP B 101 -2.70 27.58 1.12
CA TRP B 101 -1.80 28.66 1.55
C TRP B 101 -0.50 28.61 0.73
N ARG B 102 -0.18 27.42 0.16
CA ARG B 102 0.91 27.25 -0.78
C ARG B 102 0.56 26.22 -1.84
N PRO B 103 1.37 26.05 -2.94
CA PRO B 103 1.20 24.91 -3.84
C PRO B 103 1.20 23.63 -3.02
N PRO B 104 0.13 22.80 -3.04
CA PRO B 104 0.12 21.58 -2.27
C PRO B 104 1.23 20.59 -2.60
N SER B 105 1.57 19.78 -1.61
CA SER B 105 2.65 18.83 -1.68
C SER B 105 2.37 17.82 -2.77
N ILE B 106 3.39 17.50 -3.57
CA ILE B 106 3.23 16.57 -4.68
C ILE B 106 3.49 15.16 -4.18
N LEU B 107 3.81 15.00 -2.88
CA LEU B 107 3.68 13.72 -2.18
C LEU B 107 2.39 13.61 -1.39
N LEU B 108 2.29 14.42 -0.33
CA LEU B 108 1.25 14.30 0.68
C LEU B 108 -0.15 14.51 0.10
N GLU B 109 -0.28 15.43 -0.89
CA GLU B 109 -1.55 15.83 -1.47
C GLU B 109 -1.63 15.45 -2.94
N ALA B 110 -1.07 14.31 -3.32
CA ALA B 110 -1.16 13.79 -4.66
C ALA B 110 -1.70 12.37 -4.55
N ASP B 111 -2.66 12.00 -5.37
CA ASP B 111 -3.12 10.64 -5.48
C ASP B 111 -2.35 9.94 -6.60
N PRO B 112 -2.39 8.59 -6.68
CA PRO B 112 -1.95 7.90 -7.87
C PRO B 112 -2.78 8.35 -9.06
N PRO B 113 -2.25 8.42 -10.31
CA PRO B 113 -0.84 8.09 -10.61
C PRO B 113 0.23 9.16 -10.31
N HIS B 114 -0.16 10.41 -9.95
CA HIS B 114 0.76 11.55 -9.86
C HIS B 114 1.76 11.37 -8.73
N HIS B 115 1.27 10.69 -7.67
CA HIS B 115 2.02 10.38 -6.48
C HIS B 115 3.18 9.42 -6.79
N ASP B 116 3.03 8.56 -7.82
CA ASP B 116 3.87 7.35 -7.90
C ASP B 116 5.34 7.73 -8.11
N ALA B 117 5.66 8.66 -9.05
CA ALA B 117 7.06 8.91 -9.39
C ALA B 117 7.79 9.61 -8.25
N PRO B 118 7.29 10.74 -7.64
CA PRO B 118 8.01 11.33 -6.54
C PRO B 118 8.19 10.43 -5.32
N ARG B 119 7.22 9.58 -5.09
CA ARG B 119 7.27 8.66 -4.00
C ARG B 119 8.43 7.67 -4.18
N ALA B 120 8.53 7.09 -5.39
CA ALA B 120 9.57 6.12 -5.69
C ALA B 120 10.96 6.73 -5.52
N VAL B 121 11.15 8.02 -5.85
CA VAL B 121 12.41 8.69 -5.72
C VAL B 121 12.81 8.78 -4.23
N LEU B 122 11.94 9.37 -3.38
CA LEU B 122 12.24 9.51 -1.96
C LEU B 122 12.40 8.15 -1.30
N SER B 123 11.60 7.21 -1.73
CA SER B 123 11.64 5.88 -1.17
C SER B 123 13.04 5.24 -1.32
N LYS B 124 13.72 5.40 -2.47
CA LYS B 124 15.08 4.91 -2.72
C LYS B 124 16.08 5.73 -1.92
N ILE B 125 15.92 7.06 -1.98
CA ILE B 125 16.87 8.04 -1.43
C ILE B 125 16.92 7.98 0.11
N LEU B 126 15.74 7.79 0.75
CA LEU B 126 15.63 7.75 2.22
C LEU B 126 15.49 6.32 2.74
N GLY B 127 15.91 5.34 1.94
CA GLY B 127 15.76 3.93 2.33
C GLY B 127 16.87 3.46 3.27
N PRO B 128 16.69 2.30 3.96
CA PRO B 128 17.66 1.79 4.92
C PRO B 128 19.09 1.66 4.39
N ARG B 129 19.25 1.00 3.21
CA ARG B 129 20.56 0.75 2.62
C ARG B 129 21.23 2.09 2.33
N ALA B 130 20.50 3.04 1.69
CA ALA B 130 21.03 4.36 1.39
C ALA B 130 21.50 5.10 2.65
N LEU B 131 20.72 5.03 3.73
CA LEU B 131 21.00 5.73 4.98
C LEU B 131 22.22 5.18 5.72
N GLN B 132 22.63 3.90 5.50
CA GLN B 132 23.78 3.28 6.19
C GLN B 132 25.03 4.14 6.07
N LYS B 133 25.16 4.80 4.91
CA LYS B 133 26.22 5.75 4.61
C LYS B 133 26.29 6.87 5.66
N LEU B 134 25.17 7.30 6.25
CA LEU B 134 25.15 8.45 7.16
C LEU B 134 25.18 8.08 8.65
N ARG B 135 25.09 6.80 8.99
CA ARG B 135 24.97 6.30 10.34
C ARG B 135 26.20 6.67 11.20
N ALA B 136 27.41 6.38 10.76
CA ALA B 136 28.61 6.77 11.49
C ALA B 136 28.73 8.29 11.69
N ALA B 137 28.45 9.08 10.64
CA ALA B 137 28.48 10.54 10.71
C ALA B 137 27.51 11.12 11.77
N TRP B 138 26.27 10.65 11.79
CA TRP B 138 25.23 11.12 12.71
C TRP B 138 25.49 10.65 14.14
N ILE B 139 25.91 9.41 14.34
CA ILE B 139 26.36 9.01 15.66
C ILE B 139 27.45 9.96 16.13
N GLN B 140 28.43 10.30 15.25
CA GLN B 140 29.50 11.21 15.62
C GLN B 140 28.96 12.60 15.97
N ASP B 141 28.07 13.11 15.11
CA ASP B 141 27.53 14.45 15.35
C ASP B 141 26.79 14.49 16.70
N ALA B 142 26.04 13.43 17.00
CA ALA B 142 25.31 13.29 18.27
C ALA B 142 26.27 13.29 19.46
N GLU B 143 27.36 12.55 19.34
CA GLU B 143 28.37 12.52 20.40
C GLU B 143 28.99 13.90 20.61
N ALA B 144 29.29 14.62 19.52
CA ALA B 144 29.86 15.96 19.60
C ALA B 144 28.86 16.94 20.20
N LEU B 145 27.58 16.88 19.78
CA LEU B 145 26.58 17.77 20.32
C LEU B 145 26.39 17.53 21.82
N VAL B 146 26.30 16.28 22.26
CA VAL B 146 26.10 15.98 23.67
C VAL B 146 27.34 16.39 24.47
N ASP B 147 28.55 16.07 24.02
CA ASP B 147 29.76 16.49 24.73
C ASP B 147 29.85 17.99 24.91
N GLN B 148 29.57 18.75 23.85
CA GLN B 148 29.57 20.19 23.85
C GLN B 148 28.52 20.69 24.84
N LEU B 149 27.29 20.17 24.80
CA LEU B 149 26.23 20.59 25.72
C LEU B 149 26.66 20.37 27.17
N LEU B 150 27.21 19.19 27.50
CA LEU B 150 27.54 18.80 28.88
C LEU B 150 28.76 19.58 29.38
N ALA B 151 29.73 19.93 28.51
CA ALA B 151 30.80 20.88 28.88
C ALA B 151 30.25 22.24 29.37
N ASN B 152 29.18 22.70 28.72
CA ASN B 152 28.58 23.99 29.03
C ASN B 152 27.74 23.96 30.30
N THR B 153 26.84 22.97 30.43
CA THR B 153 25.84 22.91 31.49
C THR B 153 25.52 21.45 31.77
N THR B 154 25.08 21.16 33.02
CA THR B 154 24.31 19.96 33.30
C THR B 154 22.82 20.28 33.50
N GLU B 155 22.40 21.52 33.20
CA GLU B 155 21.04 22.00 33.31
C GLU B 155 20.67 22.75 32.03
N PHE B 156 19.70 22.24 31.28
CA PHE B 156 19.44 22.73 29.95
C PHE B 156 18.03 22.33 29.54
N ASP B 157 17.62 22.83 28.38
CA ASP B 157 16.32 22.50 27.82
C ASP B 157 16.46 21.30 26.89
N ALA B 158 15.71 20.22 27.14
CA ALA B 158 15.75 19.07 26.27
C ALA B 158 15.13 19.39 24.89
N VAL B 159 14.24 20.40 24.80
CA VAL B 159 13.65 20.80 23.52
C VAL B 159 14.71 21.54 22.70
N THR B 160 15.05 22.77 23.13
CA THR B 160 15.99 23.67 22.46
C THR B 160 17.34 22.96 22.22
N ASP B 161 17.90 22.33 23.26
CA ASP B 161 19.32 21.97 23.30
C ASP B 161 19.56 20.57 22.79
N LEU B 162 18.50 19.73 22.66
CA LEU B 162 18.66 18.36 22.21
C LEU B 162 17.74 18.07 21.06
N ALA B 163 16.45 18.11 21.32
CA ALA B 163 15.44 17.66 20.38
C ALA B 163 15.43 18.51 19.11
N ALA B 164 15.57 19.84 19.26
CA ALA B 164 15.61 20.79 18.16
C ALA B 164 17.04 20.90 17.61
N ALA B 165 18.04 20.95 18.49
CA ALA B 165 19.43 21.18 18.09
C ALA B 165 19.96 20.10 17.17
N PHE B 166 19.67 18.82 17.44
CA PHE B 166 20.31 17.74 16.69
C PHE B 166 19.76 17.66 15.25
N PRO B 167 18.41 17.56 15.01
CA PRO B 167 17.88 17.56 13.66
C PRO B 167 18.29 18.76 12.81
N LEU B 168 18.29 19.96 13.38
CA LEU B 168 18.70 21.16 12.65
C LEU B 168 20.14 21.08 12.17
N ARG B 169 20.99 20.23 12.83
CA ARG B 169 22.38 20.07 12.40
C ARG B 169 22.40 19.06 11.24
N VAL B 170 22.12 17.80 11.57
CA VAL B 170 22.36 16.67 10.68
C VAL B 170 21.42 16.67 9.48
N PHE B 171 20.13 17.00 9.66
CA PHE B 171 19.21 16.76 8.57
C PHE B 171 19.34 17.83 7.47
N PRO B 172 19.32 19.17 7.69
CA PRO B 172 19.55 20.09 6.59
C PRO B 172 20.93 19.93 5.92
N ASP B 173 21.94 19.42 6.63
CA ASP B 173 23.23 19.10 6.02
C ASP B 173 23.14 17.90 5.10
N ALA B 174 22.34 16.90 5.48
CA ALA B 174 22.17 15.74 4.64
C ALA B 174 21.31 16.08 3.43
N VAL B 175 20.31 17.01 3.56
CA VAL B 175 19.58 17.53 2.42
C VAL B 175 20.54 18.30 1.50
N GLY B 176 21.48 19.02 2.11
CA GLY B 176 22.54 19.77 1.46
C GLY B 176 22.17 21.25 1.33
N ILE B 177 21.35 21.82 2.24
CA ILE B 177 21.00 23.23 2.13
C ILE B 177 22.07 24.04 2.84
N PRO B 178 22.16 25.37 2.61
CA PRO B 178 23.05 26.21 3.40
C PRO B 178 22.66 26.35 4.85
N ASP B 179 23.58 26.90 5.67
CA ASP B 179 23.32 27.13 7.09
C ASP B 179 22.48 28.39 7.26
N ALA B 180 22.63 29.38 6.37
CA ALA B 180 21.96 30.67 6.50
C ALA B 180 20.45 30.52 6.46
N GLY B 181 19.77 31.09 7.47
CA GLY B 181 18.32 31.06 7.56
C GLY B 181 17.71 29.73 8.02
N ARG B 182 18.50 28.80 8.59
CA ARG B 182 17.97 27.53 9.10
C ARG B 182 16.96 27.73 10.25
N GLU B 183 17.00 28.89 10.92
CA GLU B 183 15.99 29.27 11.90
C GLU B 183 14.61 29.44 11.26
N ASN B 184 14.50 29.49 9.92
CA ASN B 184 13.19 29.50 9.28
C ASN B 184 12.50 28.13 9.22
N LEU B 185 13.26 27.03 9.39
CA LEU B 185 12.72 25.67 9.26
C LEU B 185 11.63 25.37 10.29
N LEU B 186 11.89 25.66 11.56
CA LEU B 186 10.94 25.37 12.62
C LEU B 186 9.63 26.17 12.42
N PRO B 187 9.61 27.52 12.27
CA PRO B 187 8.36 28.23 12.02
C PRO B 187 7.64 27.80 10.74
N TYR B 188 8.41 27.51 9.69
CA TYR B 188 7.81 27.09 8.43
C TYR B 188 7.05 25.76 8.61
N GLY B 189 7.69 24.75 9.22
CA GLY B 189 6.98 23.51 9.54
C GLY B 189 5.75 23.75 10.40
N ASP B 190 5.91 24.55 11.46
CA ASP B 190 4.82 24.81 12.37
C ASP B 190 3.62 25.33 11.62
N HIS B 191 3.84 26.32 10.75
CA HIS B 191 2.77 26.95 10.00
C HIS B 191 2.07 25.93 9.11
N ALA B 192 2.85 25.11 8.39
CA ALA B 192 2.32 24.03 7.56
C ALA B 192 1.41 23.07 8.35
N PHE B 193 1.84 22.67 9.54
CA PHE B 193 1.06 21.72 10.34
C PHE B 193 -0.17 22.39 10.94
N ASN B 194 -0.04 23.62 11.41
CA ASN B 194 -1.21 24.42 11.76
C ASN B 194 -2.19 24.58 10.61
N ALA B 195 -1.68 24.71 9.39
CA ALA B 195 -2.48 24.96 8.21
C ALA B 195 -3.38 23.77 7.89
N PHE B 196 -3.09 22.59 8.41
CA PHE B 196 -3.99 21.47 8.25
C PHE B 196 -5.25 21.60 9.09
N GLY B 197 -5.29 22.51 10.08
CA GLY B 197 -6.46 22.69 10.93
C GLY B 197 -7.32 23.83 10.46
N PRO B 198 -8.33 24.26 11.23
CA PRO B 198 -9.12 25.40 10.84
C PRO B 198 -8.30 26.68 10.97
N ALA B 199 -8.92 27.73 10.41
CA ALA B 199 -8.49 29.10 10.51
C ALA B 199 -8.77 29.66 11.93
N ASN B 200 -7.99 29.21 12.93
CA ASN B 200 -8.07 29.68 14.30
C ASN B 200 -6.84 30.53 14.65
N GLY B 201 -6.64 30.87 15.95
CA GLY B 201 -5.51 31.64 16.45
C GLY B 201 -4.14 31.13 16.01
N LEU B 202 -3.99 29.81 15.84
CA LEU B 202 -2.70 29.19 15.62
C LEU B 202 -2.28 29.40 14.17
N VAL B 203 -3.23 29.65 13.26
CA VAL B 203 -2.90 29.96 11.87
C VAL B 203 -3.46 31.32 11.42
N GLU B 204 -4.81 31.57 11.50
CA GLU B 204 -5.54 32.56 10.68
C GLU B 204 -5.60 33.94 11.35
N LYS B 205 -5.37 33.96 12.69
CA LYS B 205 -4.61 35.01 13.33
C LYS B 205 -3.20 34.44 13.57
N GLY B 206 -2.46 34.12 12.46
CA GLY B 206 -1.03 33.77 12.48
C GLY B 206 -0.41 33.69 11.06
N ALA B 207 -0.84 34.61 10.14
CA ALA B 207 -0.59 34.56 8.69
C ALA B 207 -0.15 35.93 8.09
N PRO B 208 1.03 36.52 8.49
CA PRO B 208 1.67 37.64 7.76
C PRO B 208 2.98 37.40 6.97
N ARG B 209 3.99 36.76 7.63
CA ARG B 209 5.38 36.55 7.22
C ARG B 209 5.59 35.16 6.57
N VAL B 210 4.48 34.59 6.10
CA VAL B 210 4.47 33.30 5.43
C VAL B 210 5.28 33.49 4.15
N ALA B 211 5.08 34.63 3.49
CA ALA B 211 5.69 34.81 2.20
C ALA B 211 7.21 34.78 2.36
N GLU B 212 7.74 35.38 3.43
CA GLU B 212 9.15 35.34 3.76
C GLU B 212 9.57 33.90 3.95
N LEU B 213 8.81 33.17 4.78
CA LEU B 213 9.18 31.81 5.11
C LEU B 213 9.15 30.94 3.87
N SER B 214 8.10 31.08 3.05
CA SER B 214 8.00 30.34 1.79
C SER B 214 9.13 30.70 0.82
N GLY B 215 9.36 32.01 0.65
CA GLY B 215 10.41 32.52 -0.20
C GLY B 215 11.75 31.84 0.09
N TRP B 216 12.10 31.74 1.38
CA TRP B 216 13.36 31.17 1.82
C TRP B 216 13.45 29.67 1.49
N VAL B 217 12.42 28.89 1.83
CA VAL B 217 12.38 27.45 1.57
C VAL B 217 12.43 27.17 0.06
N ASN B 218 11.64 27.89 -0.76
CA ASN B 218 11.67 27.65 -2.20
C ASN B 218 13.07 27.94 -2.76
N ALA B 219 13.77 28.92 -2.16
CA ALA B 219 15.13 29.24 -2.56
C ALA B 219 16.11 28.14 -2.20
N GLN B 220 15.89 27.40 -1.11
CA GLN B 220 16.81 26.32 -0.76
C GLN B 220 16.63 25.09 -1.65
N CYS B 221 15.52 25.08 -2.43
CA CYS B 221 15.14 23.89 -3.19
C CYS B 221 15.77 23.84 -4.58
N ALA B 222 16.19 24.98 -5.11
CA ALA B 222 16.82 25.08 -6.40
C ALA B 222 18.12 24.27 -6.42
N ARG B 223 18.44 23.71 -7.60
CA ARG B 223 19.63 22.88 -7.79
C ARG B 223 20.90 23.65 -7.39
N ASP B 224 21.02 24.92 -7.78
CA ASP B 224 22.21 25.72 -7.50
C ASP B 224 22.37 26.11 -6.02
N ALA B 225 21.30 26.03 -5.16
CA ALA B 225 21.37 26.33 -3.72
C ALA B 225 21.90 25.18 -2.89
N LEU B 226 21.96 23.96 -3.45
CA LEU B 226 22.25 22.71 -2.75
C LEU B 226 23.68 22.26 -3.01
N THR B 227 24.28 21.58 -2.00
CA THR B 227 25.52 20.82 -2.19
C THR B 227 25.36 19.79 -3.30
N GLY B 228 26.48 19.18 -3.72
CA GLY B 228 26.49 18.22 -4.80
C GLY B 228 26.15 16.79 -4.38
N ASP B 229 26.18 16.44 -3.09
CA ASP B 229 26.02 15.04 -2.69
C ASP B 229 24.81 14.74 -1.80
N GLY B 230 24.07 15.72 -1.28
CA GLY B 230 22.98 15.42 -0.35
C GLY B 230 21.75 14.83 -1.00
N PHE B 231 20.66 14.80 -0.23
CA PHE B 231 19.39 14.24 -0.72
C PHE B 231 18.86 15.11 -1.86
N GLY B 232 19.03 16.44 -1.73
CA GLY B 232 18.73 17.43 -2.77
C GLY B 232 19.37 17.06 -4.11
N ALA B 233 20.69 16.93 -4.10
CA ALA B 233 21.45 16.47 -5.23
C ALA B 233 20.92 15.17 -5.80
N GLN B 234 20.61 14.20 -4.93
CA GLN B 234 20.12 12.89 -5.36
C GLN B 234 18.75 13.01 -6.04
N ILE B 235 17.87 13.88 -5.50
CA ILE B 235 16.58 14.16 -6.12
C ILE B 235 16.77 14.73 -7.53
N TRP B 236 17.68 15.70 -7.69
CA TRP B 236 17.90 16.34 -8.98
C TRP B 236 18.55 15.36 -9.96
N ALA B 237 19.43 14.48 -9.47
CA ALA B 237 19.98 13.39 -10.28
C ALA B 237 18.87 12.43 -10.76
N ALA B 238 17.88 12.13 -9.92
CA ALA B 238 16.73 11.32 -10.33
C ALA B 238 15.95 12.04 -11.44
N ALA B 239 15.89 13.36 -11.41
CA ALA B 239 15.32 14.13 -12.49
C ALA B 239 16.13 14.01 -13.81
N ASP B 240 17.46 14.00 -13.70
CA ASP B 240 18.35 13.78 -14.84
C ASP B 240 18.09 12.44 -15.52
N ARG B 241 17.81 11.40 -14.76
CA ARG B 241 17.47 10.09 -15.32
C ARG B 241 16.02 9.98 -15.84
N GLY B 242 15.22 11.06 -15.75
CA GLY B 242 13.82 11.03 -16.12
C GLY B 242 12.88 10.31 -15.14
N ASP B 243 13.30 10.04 -13.91
CA ASP B 243 12.44 9.47 -12.88
C ASP B 243 11.36 10.44 -12.41
N ILE B 244 11.71 11.72 -12.35
CA ILE B 244 10.81 12.86 -12.12
C ILE B 244 11.28 13.94 -13.10
N THR B 245 10.52 15.05 -13.17
CA THR B 245 10.81 16.19 -14.02
C THR B 245 11.67 17.18 -13.23
N TYR B 246 12.26 18.15 -13.94
CA TYR B 246 12.94 19.27 -13.31
C TYR B 246 11.95 20.16 -12.57
N GLU B 247 10.68 20.17 -12.98
CA GLU B 247 9.63 20.88 -12.25
C GLU B 247 9.21 20.18 -10.95
N GLN B 248 9.24 18.85 -10.90
CA GLN B 248 9.00 18.14 -9.65
C GLN B 248 10.17 18.22 -8.66
N ALA B 249 11.43 18.17 -9.15
CA ALA B 249 12.62 18.16 -8.32
C ALA B 249 12.53 19.14 -7.14
N PRO B 250 12.34 20.47 -7.31
CA PRO B 250 12.34 21.38 -6.16
C PRO B 250 11.22 21.13 -5.16
N LEU B 251 10.03 20.70 -5.62
CA LEU B 251 8.90 20.40 -4.76
C LEU B 251 9.10 19.13 -3.94
N VAL B 252 9.88 18.15 -4.44
CA VAL B 252 10.29 16.95 -3.74
C VAL B 252 11.28 17.35 -2.68
N VAL B 253 12.20 18.26 -3.01
CA VAL B 253 13.05 18.78 -1.96
C VAL B 253 12.20 19.50 -0.88
N ARG B 254 11.18 20.27 -1.28
CA ARG B 254 10.30 21.02 -0.39
C ARG B 254 9.58 20.10 0.61
N SER B 255 9.14 18.90 0.17
CA SER B 255 8.56 17.91 1.05
C SER B 255 9.51 17.62 2.21
N LEU B 256 10.77 17.36 1.89
CA LEU B 256 11.77 17.05 2.90
C LEU B 256 11.88 18.20 3.89
N LEU B 257 11.87 19.43 3.40
CA LEU B 257 12.05 20.58 4.24
C LEU B 257 10.76 20.96 4.98
N THR B 258 9.60 20.37 4.68
CA THR B 258 8.38 20.60 5.44
C THR B 258 8.18 19.53 6.52
N ALA B 259 8.27 18.26 6.12
CA ALA B 259 7.98 17.09 6.91
C ALA B 259 9.20 16.61 7.70
N GLY B 260 10.41 17.05 7.36
CA GLY B 260 11.63 16.38 7.81
C GLY B 260 12.13 16.85 9.17
N VAL B 261 11.74 18.07 9.60
CA VAL B 261 12.33 18.72 10.76
C VAL B 261 11.35 18.70 11.95
N ASP B 262 10.23 19.44 11.91
CA ASP B 262 9.34 19.54 13.08
C ASP B 262 8.88 18.22 13.68
N THR B 263 8.57 17.23 12.85
CA THR B 263 8.07 15.95 13.32
C THR B 263 9.13 15.30 14.22
N THR B 264 10.37 15.25 13.76
CA THR B 264 11.44 14.56 14.47
C THR B 264 11.82 15.33 15.72
N VAL B 265 11.82 16.68 15.70
CA VAL B 265 12.00 17.50 16.91
C VAL B 265 10.99 17.09 18.00
N ASN B 266 9.72 17.02 17.63
CA ASN B 266 8.65 16.70 18.55
C ASN B 266 8.65 15.24 18.96
N GLY B 267 9.01 14.34 18.06
CA GLY B 267 9.20 12.95 18.44
C GLY B 267 10.36 12.81 19.42
N LEU B 268 11.46 13.53 19.15
CA LEU B 268 12.63 13.49 20.02
C LEU B 268 12.36 14.18 21.37
N ALA B 269 11.60 15.29 21.41
CA ALA B 269 11.21 15.89 22.69
C ALA B 269 10.35 14.93 23.49
N ALA B 270 9.46 14.17 22.84
CA ALA B 270 8.59 13.21 23.50
C ALA B 270 9.34 12.07 24.19
N VAL B 271 10.34 11.46 23.50
CA VAL B 271 11.03 10.33 24.06
C VAL B 271 11.95 10.80 25.19
N LEU B 272 12.52 12.00 25.03
CA LEU B 272 13.35 12.59 26.07
C LEU B 272 12.50 12.99 27.28
N TYR B 273 11.29 13.53 27.05
CA TYR B 273 10.30 13.77 28.13
C TYR B 273 9.95 12.47 28.87
N ALA B 274 9.65 11.43 28.10
CA ALA B 274 9.38 10.10 28.66
C ALA B 274 10.54 9.61 29.51
N PHE B 275 11.78 9.71 29.03
CA PHE B 275 12.91 9.22 29.78
C PHE B 275 13.10 10.06 31.02
N ALA B 276 12.93 11.37 30.91
CA ALA B 276 13.19 12.26 32.04
C ALA B 276 12.19 12.00 33.18
N THR B 277 10.97 11.49 32.82
CA THR B 277 9.90 11.18 33.74
C THR B 277 9.82 9.69 34.12
N HIS B 278 10.67 8.81 33.56
CA HIS B 278 10.63 7.37 33.80
C HIS B 278 12.05 6.90 34.05
N PRO B 279 12.64 7.15 35.24
CA PRO B 279 14.02 6.76 35.55
C PRO B 279 14.34 5.29 35.34
N ASP B 280 13.35 4.42 35.54
CA ASP B 280 13.41 2.99 35.26
C ASP B 280 13.70 2.75 33.79
N GLN B 281 12.95 3.42 32.92
CA GLN B 281 13.09 3.25 31.49
C GLN B 281 14.45 3.78 31.02
N TRP B 282 14.87 4.93 31.57
CA TRP B 282 16.20 5.45 31.28
C TRP B 282 17.28 4.43 31.67
N ALA B 283 17.19 3.86 32.86
CA ALA B 283 18.10 2.80 33.29
C ALA B 283 18.09 1.57 32.37
N ARG B 284 16.92 1.22 31.80
CA ARG B 284 16.82 0.12 30.86
C ARG B 284 17.62 0.39 29.58
N LEU B 285 17.46 1.61 29.03
CA LEU B 285 18.22 2.03 27.86
C LEU B 285 19.72 1.95 28.13
N ARG B 286 20.14 2.50 29.28
CA ARG B 286 21.54 2.48 29.65
C ARG B 286 22.05 1.04 29.76
N GLU B 287 21.21 0.06 30.08
CA GLU B 287 21.67 -1.32 30.19
C GLU B 287 21.67 -2.01 28.83
N ASN B 288 20.80 -1.57 27.90
CA ASN B 288 20.78 -2.10 26.56
C ASN B 288 20.56 -1.00 25.51
N ARG B 289 21.68 -0.44 25.02
CA ARG B 289 21.73 0.59 23.98
C ARG B 289 20.94 0.25 22.70
N THR B 290 20.79 -1.05 22.39
CA THR B 290 20.01 -1.50 21.24
C THR B 290 18.49 -1.26 21.46
N LEU B 291 18.03 -1.03 22.70
CA LEU B 291 16.69 -0.51 22.94
C LEU B 291 16.39 0.87 22.31
N ALA B 292 17.40 1.64 21.91
CA ALA B 292 17.17 2.96 21.34
C ALA B 292 16.12 2.98 20.21
N ARG B 293 16.22 2.05 19.24
CA ARG B 293 15.38 2.14 18.06
C ARG B 293 13.91 1.93 18.44
N THR B 294 13.70 0.89 19.26
CA THR B 294 12.37 0.54 19.68
C THR B 294 11.80 1.62 20.62
N ALA B 295 12.63 2.25 21.45
CA ALA B 295 12.22 3.36 22.25
C ALA B 295 11.59 4.47 21.41
N PHE B 296 12.19 4.83 20.29
CA PHE B 296 11.64 5.90 19.47
C PHE B 296 10.27 5.56 18.85
N ASP B 297 10.06 4.31 18.43
CA ASP B 297 8.76 3.96 17.82
C ASP B 297 7.64 3.92 18.86
N GLU B 298 8.02 3.57 20.09
CA GLU B 298 7.12 3.59 21.23
C GLU B 298 6.77 5.02 21.60
N ALA B 299 7.73 5.94 21.55
CA ALA B 299 7.46 7.35 21.68
C ALA B 299 6.48 7.84 20.61
N VAL B 300 6.68 7.39 19.37
CA VAL B 300 5.82 7.82 18.28
C VAL B 300 4.41 7.28 18.53
N ARG B 301 4.28 6.00 18.90
CA ARG B 301 2.97 5.46 19.20
C ARG B 301 2.32 6.25 20.35
N TRP B 302 3.06 6.38 21.45
CA TRP B 302 2.56 6.87 22.70
C TRP B 302 2.18 8.33 22.60
N GLU B 303 3.07 9.18 22.05
CA GLU B 303 2.80 10.60 21.84
C GLU B 303 1.95 10.89 20.61
N SER B 304 2.25 10.18 19.50
CA SER B 304 1.69 10.46 18.17
C SER B 304 1.96 11.91 17.77
N PRO B 305 3.25 12.28 17.51
CA PRO B 305 3.60 13.65 17.14
C PRO B 305 2.71 14.26 16.05
N VAL B 306 2.37 13.48 15.02
CA VAL B 306 1.29 13.82 14.11
C VAL B 306 0.00 13.18 14.64
N GLN B 307 -0.95 14.02 15.08
CA GLN B 307 -2.15 13.59 15.75
C GLN B 307 -3.29 13.24 14.80
N THR B 308 -3.43 13.99 13.71
CA THR B 308 -4.59 13.93 12.84
C THR B 308 -4.21 14.19 11.37
N PHE B 309 -4.98 13.58 10.49
CA PHE B 309 -5.02 14.00 9.10
C PHE B 309 -6.43 13.74 8.59
N PHE B 310 -6.75 14.43 7.48
CA PHE B 310 -8.01 14.31 6.77
C PHE B 310 -7.81 13.52 5.48
N ARG B 311 -8.94 13.00 4.97
CA ARG B 311 -9.06 12.52 3.61
C ARG B 311 -10.43 12.95 3.10
N THR B 312 -10.67 12.77 1.78
CA THR B 312 -11.92 13.22 1.16
C THR B 312 -12.51 12.01 0.49
N ALA B 313 -13.81 11.80 0.68
CA ALA B 313 -14.49 10.66 0.11
C ALA B 313 -14.68 10.91 -1.39
N THR B 314 -14.20 9.96 -2.22
CA THR B 314 -14.25 10.04 -3.67
C THR B 314 -15.60 9.55 -4.13
N ARG B 315 -16.23 8.69 -3.35
CA ARG B 315 -17.55 8.12 -3.58
C ARG B 315 -18.19 7.95 -2.21
N ASP B 316 -19.50 7.69 -2.21
CA ASP B 316 -20.15 7.17 -1.01
C ASP B 316 -19.40 5.90 -0.58
N THR B 317 -18.85 5.88 0.65
CA THR B 317 -18.01 4.77 1.10
C THR B 317 -18.44 4.37 2.50
N GLU B 318 -18.47 3.05 2.73
CA GLU B 318 -18.89 2.53 4.02
C GLU B 318 -17.64 2.37 4.86
N ILE B 319 -17.65 2.87 6.08
CA ILE B 319 -16.61 2.54 7.03
C ILE B 319 -17.23 2.61 8.41
N GLY B 320 -16.84 1.66 9.28
CA GLY B 320 -17.33 1.54 10.63
C GLY B 320 -18.85 1.41 10.72
N GLY B 321 -19.49 0.81 9.70
CA GLY B 321 -20.94 0.69 9.63
C GLY B 321 -21.62 1.97 9.18
N ALA B 322 -20.88 3.07 8.89
CA ALA B 322 -21.43 4.34 8.43
C ALA B 322 -21.14 4.53 6.95
N THR B 323 -22.03 5.23 6.23
CA THR B 323 -21.75 5.72 4.89
C THR B 323 -21.22 7.16 4.99
N ILE B 324 -20.01 7.39 4.48
CA ILE B 324 -19.51 8.74 4.33
C ILE B 324 -19.87 9.24 2.94
N PRO B 325 -20.71 10.30 2.78
CA PRO B 325 -21.06 10.80 1.47
C PRO B 325 -19.86 11.27 0.65
N ASP B 326 -19.96 11.06 -0.66
CA ASP B 326 -19.02 11.53 -1.66
C ASP B 326 -18.84 13.01 -1.39
N GLY B 327 -17.59 13.47 -1.36
CA GLY B 327 -17.32 14.87 -1.23
C GLY B 327 -17.06 15.26 0.22
N LYS B 328 -17.41 14.44 1.23
CA LYS B 328 -17.16 14.83 2.62
C LYS B 328 -15.81 14.30 3.09
N LYS B 329 -15.30 15.00 4.12
CA LYS B 329 -14.02 14.71 4.74
C LYS B 329 -14.17 13.82 5.98
N ILE B 330 -13.20 12.91 6.11
CA ILE B 330 -12.96 12.14 7.32
C ILE B 330 -11.78 12.78 8.04
N LEU B 331 -11.77 12.62 9.37
CA LEU B 331 -10.70 13.03 10.26
C LEU B 331 -10.22 11.80 11.06
N MET B 332 -8.95 11.47 10.84
CA MET B 332 -8.34 10.28 11.37
C MET B 332 -7.41 10.70 12.50
N PHE B 333 -7.66 10.17 13.70
CA PHE B 333 -6.96 10.50 14.93
C PHE B 333 -5.94 9.39 15.17
N LEU B 334 -4.73 9.64 14.66
CA LEU B 334 -3.62 8.72 14.83
C LEU B 334 -3.29 8.44 16.31
N GLY B 335 -3.26 9.50 17.13
CA GLY B 335 -2.98 9.35 18.54
C GLY B 335 -4.00 8.43 19.23
N ALA B 336 -5.29 8.64 18.94
CA ALA B 336 -6.38 7.80 19.45
C ALA B 336 -6.22 6.33 19.08
N ALA B 337 -6.00 6.06 17.79
CA ALA B 337 -5.81 4.71 17.29
C ALA B 337 -4.58 4.06 17.94
N ASN B 338 -3.53 4.84 18.16
CA ASN B 338 -2.30 4.37 18.78
C ASN B 338 -2.45 4.11 20.28
N ARG B 339 -3.55 4.54 20.90
CA ARG B 339 -3.90 4.20 22.27
C ARG B 339 -5.24 3.47 22.35
N ASP B 340 -5.72 2.86 21.28
CA ASP B 340 -6.94 2.07 21.31
C ASP B 340 -6.69 0.76 22.07
N PRO B 341 -7.42 0.46 23.17
CA PRO B 341 -7.23 -0.79 23.90
C PRO B 341 -7.67 -2.02 23.10
N ARG B 342 -8.45 -1.85 22.02
CA ARG B 342 -8.75 -2.94 21.10
C ARG B 342 -7.48 -3.47 20.39
N ARG B 343 -6.42 -2.66 20.29
CA ARG B 343 -5.20 -3.06 19.59
C ARG B 343 -4.00 -3.16 20.51
N TRP B 344 -4.02 -2.45 21.65
CA TRP B 344 -2.85 -2.27 22.49
C TRP B 344 -3.15 -2.72 23.93
N GLU B 345 -2.20 -3.41 24.55
CA GLU B 345 -2.32 -3.80 25.95
C GLU B 345 -1.89 -2.59 26.77
N ASN B 346 -2.75 -2.05 27.65
CA ASN B 346 -2.34 -0.96 28.55
C ASN B 346 -1.76 0.21 27.75
N PRO B 347 -2.54 0.82 26.81
CA PRO B 347 -2.00 1.78 25.87
C PRO B 347 -1.42 3.04 26.45
N GLU B 348 -1.83 3.40 27.67
CA GLU B 348 -1.48 4.68 28.25
C GLU B 348 -0.01 4.72 28.68
N VAL B 349 0.65 3.57 28.82
CA VAL B 349 2.00 3.56 29.36
C VAL B 349 2.99 3.61 28.20
N PHE B 350 4.08 4.36 28.40
CA PHE B 350 5.28 4.28 27.58
C PHE B 350 6.11 3.09 28.04
N ASP B 351 6.30 2.09 27.17
CA ASP B 351 6.97 0.85 27.52
C ASP B 351 7.93 0.41 26.42
N LEU B 352 9.23 0.60 26.64
CA LEU B 352 10.39 0.05 25.93
C LEU B 352 10.25 -1.44 25.65
N GLY B 353 9.59 -2.15 26.55
CA GLY B 353 9.32 -3.56 26.40
C GLY B 353 8.25 -3.88 25.36
N ARG B 354 7.49 -2.88 24.93
CA ARG B 354 6.32 -3.11 24.10
C ARG B 354 6.86 -3.35 22.71
N ASN B 355 6.27 -4.26 21.96
CA ASN B 355 6.39 -4.22 20.51
C ASN B 355 5.41 -3.17 19.95
N PRO B 356 5.83 -1.97 19.50
CA PRO B 356 4.89 -0.98 18.96
C PRO B 356 4.60 -1.18 17.47
N SER B 357 5.09 -2.29 16.91
CA SER B 357 5.01 -2.58 15.49
C SER B 357 3.55 -2.54 15.04
N GLY B 358 3.24 -1.81 13.99
CA GLY B 358 1.87 -1.73 13.48
C GLY B 358 1.13 -0.46 13.92
N HIS B 359 1.78 0.38 14.73
CA HIS B 359 1.23 1.69 15.07
C HIS B 359 1.04 2.52 13.80
N VAL B 360 0.13 3.50 13.91
CA VAL B 360 -0.23 4.34 12.80
C VAL B 360 0.38 5.76 12.96
N GLY B 361 1.41 5.91 13.80
CA GLY B 361 2.06 7.18 13.99
C GLY B 361 2.76 7.71 12.74
N TYR B 362 3.18 6.83 11.82
CA TYR B 362 3.76 7.19 10.52
C TYR B 362 2.73 7.06 9.40
N GLY B 363 1.47 6.82 9.73
CA GLY B 363 0.45 6.48 8.73
C GLY B 363 0.56 5.01 8.34
N MET B 364 0.00 4.71 7.14
CA MET B 364 -0.19 3.35 6.70
C MET B 364 -0.58 3.35 5.22
N GLY B 365 -0.02 2.42 4.43
CA GLY B 365 -0.31 2.40 3.00
C GLY B 365 0.57 3.35 2.18
N ILE B 366 0.04 3.86 1.07
CA ILE B 366 0.89 4.40 0.01
C ILE B 366 1.57 5.69 0.46
N HIS B 367 0.95 6.44 1.39
CA HIS B 367 1.53 7.69 1.86
C HIS B 367 2.31 7.50 3.17
N GLN B 368 2.50 6.27 3.60
CA GLN B 368 3.13 6.05 4.89
C GLN B 368 4.51 6.71 4.90
N CYS B 369 4.82 7.41 5.99
CA CYS B 369 6.02 8.17 6.18
C CYS B 369 7.23 7.58 5.46
N VAL B 370 7.66 8.30 4.44
CA VAL B 370 8.87 7.90 3.69
C VAL B 370 10.13 8.28 4.48
N GLY B 371 10.03 9.06 5.56
CA GLY B 371 11.16 9.49 6.37
C GLY B 371 11.39 8.72 7.66
N GLN B 372 10.74 7.56 7.81
CA GLN B 372 10.80 6.84 9.08
C GLN B 372 12.18 6.27 9.37
N HIS B 373 12.92 5.89 8.30
CA HIS B 373 14.29 5.43 8.44
C HIS B 373 15.15 6.58 8.90
N VAL B 374 14.82 7.82 8.51
CA VAL B 374 15.59 8.96 8.91
C VAL B 374 15.40 9.23 10.42
N ALA B 375 14.12 9.31 10.82
CA ALA B 375 13.74 9.63 12.17
C ALA B 375 14.33 8.60 13.13
N ARG B 376 14.26 7.32 12.77
CA ARG B 376 14.78 6.28 13.66
C ARG B 376 16.30 6.41 13.82
N LEU B 377 17.02 6.67 12.72
CA LEU B 377 18.46 6.83 12.84
C LEU B 377 18.83 8.04 13.69
N GLU B 378 18.08 9.14 13.52
CA GLU B 378 18.25 10.32 14.34
C GLU B 378 18.15 9.97 15.84
N SER B 379 17.00 9.36 16.21
CA SER B 379 16.78 8.93 17.59
C SER B 379 17.90 8.00 18.05
N GLU B 380 18.32 7.05 17.20
CA GLU B 380 19.32 6.08 17.58
C GLU B 380 20.64 6.77 17.94
N ALA B 381 21.04 7.71 17.09
CA ALA B 381 22.25 8.48 17.30
C ALA B 381 22.20 9.30 18.59
N LEU B 382 21.18 10.14 18.74
CA LEU B 382 21.06 10.99 19.89
C LEU B 382 20.94 10.19 21.18
N LEU B 383 20.08 9.16 21.18
CA LEU B 383 19.85 8.40 22.40
C LEU B 383 21.10 7.67 22.86
N THR B 384 21.87 7.13 21.92
CA THR B 384 23.03 6.37 22.34
C THR B 384 24.10 7.34 22.81
N ALA B 385 24.23 8.52 22.17
CA ALA B 385 25.18 9.53 22.65
C ALA B 385 24.82 10.00 24.07
N LEU B 386 23.51 10.18 24.32
CA LEU B 386 23.07 10.70 25.62
C LEU B 386 23.28 9.65 26.72
N ALA B 387 22.92 8.40 26.44
CA ALA B 387 23.02 7.33 27.41
C ALA B 387 24.48 7.03 27.70
N SER B 388 25.36 7.27 26.73
CA SER B 388 26.78 7.13 26.96
C SER B 388 27.29 8.05 28.07
N ARG B 389 26.72 9.25 28.25
CA ARG B 389 27.31 10.30 29.07
C ARG B 389 26.45 10.66 30.29
N VAL B 390 25.16 10.32 30.30
CA VAL B 390 24.23 10.77 31.32
C VAL B 390 23.81 9.54 32.10
N HIS B 391 24.19 9.55 33.40
CA HIS B 391 23.79 8.51 34.32
C HIS B 391 22.28 8.61 34.56
N SER B 392 21.81 9.80 34.93
CA SER B 392 20.42 9.98 35.31
C SER B 392 19.99 11.40 34.95
N LEU B 393 18.69 11.55 34.81
CA LEU B 393 18.05 12.67 34.16
C LEU B 393 16.79 12.99 34.93
N GLU B 394 16.52 14.23 35.25
CA GLU B 394 15.21 14.56 35.83
C GLU B 394 14.65 15.85 35.24
N ILE B 395 13.35 16.10 35.41
CA ILE B 395 12.73 17.37 35.08
C ILE B 395 13.09 18.39 36.16
N ALA B 396 13.54 19.57 35.70
CA ALA B 396 14.17 20.57 36.51
C ALA B 396 13.33 21.86 36.58
N GLY B 397 12.08 21.80 36.09
CA GLY B 397 11.27 23.00 36.10
C GLY B 397 9.99 22.79 35.32
N PRO B 398 9.18 23.87 35.16
CA PRO B 398 7.90 23.78 34.42
C PRO B 398 8.05 23.32 32.99
N VAL B 399 7.27 22.33 32.54
CA VAL B 399 7.30 21.93 31.16
C VAL B 399 6.17 22.68 30.47
N HIS B 400 6.42 23.10 29.21
CA HIS B 400 5.46 23.81 28.39
C HIS B 400 5.34 23.10 27.05
N ARG B 401 4.10 22.76 26.73
CA ARG B 401 3.70 22.37 25.40
C ARG B 401 3.65 23.58 24.48
N HIS B 402 3.90 23.27 23.19
CA HIS B 402 3.61 24.14 22.09
C HIS B 402 2.34 23.66 21.39
N LEU B 403 1.27 24.44 21.42
CA LEU B 403 -0.01 24.06 20.81
C LEU B 403 0.07 24.32 19.30
N ASN B 404 -0.45 23.31 18.56
CA ASN B 404 -0.51 23.27 17.11
C ASN B 404 -1.73 22.45 16.75
N ASN B 405 -2.38 22.79 15.62
CA ASN B 405 -3.57 22.07 15.18
C ASN B 405 -3.34 20.59 14.85
N THR B 406 -2.17 20.21 14.35
CA THR B 406 -1.93 18.84 13.89
C THR B 406 -0.81 18.11 14.64
N LEU B 407 0.24 18.83 15.06
CA LEU B 407 1.41 18.33 15.76
C LEU B 407 1.29 18.47 17.28
N ARG B 408 1.60 17.39 18.00
CA ARG B 408 1.80 17.45 19.44
C ARG B 408 3.24 17.93 19.67
N SER B 409 3.40 19.21 20.03
CA SER B 409 4.70 19.86 20.08
C SER B 409 4.98 20.26 21.50
N TRP B 410 6.27 20.28 21.80
CA TRP B 410 6.80 20.69 23.08
C TRP B 410 7.50 22.02 22.89
N GLU B 411 7.29 23.00 23.75
CA GLU B 411 8.06 24.23 23.76
C GLU B 411 9.31 24.11 24.67
N SER B 412 9.18 23.57 25.90
CA SER B 412 10.26 23.58 26.88
C SER B 412 10.18 22.34 27.78
N VAL B 413 11.28 21.59 27.91
CA VAL B 413 11.40 20.49 28.86
C VAL B 413 12.70 20.70 29.63
N PRO B 414 12.70 21.49 30.73
CA PRO B 414 13.91 21.69 31.52
C PRO B 414 14.34 20.38 32.18
N VAL B 415 15.63 20.06 32.05
CA VAL B 415 16.18 18.89 32.70
C VAL B 415 17.47 19.25 33.44
N LYS B 416 17.76 18.41 34.43
CA LYS B 416 19.03 18.37 35.16
C LYS B 416 19.56 16.95 35.01
N VAL B 417 20.86 16.81 34.68
CA VAL B 417 21.49 15.53 34.49
C VAL B 417 22.58 15.30 35.54
N ARG B 418 22.83 14.03 35.83
CA ARG B 418 23.89 13.58 36.70
C ARG B 418 24.78 12.75 35.77
N LEU B 419 26.07 13.11 35.74
CA LEU B 419 27.10 12.41 34.98
C LEU B 419 27.56 11.21 35.78
N PRO B 420 28.07 10.13 35.12
CA PRO B 420 28.58 8.99 35.84
C PRO B 420 29.78 9.46 36.62
#